data_8BEC
#
_entry.id   8BEC
#
_cell.length_a   87.446
_cell.length_b   91.559
_cell.length_c   156.704
_cell.angle_alpha   90.000
_cell.angle_beta   90.000
_cell.angle_gamma   90.000
#
_symmetry.space_group_name_H-M   'P 21 21 21'
#
loop_
_entity.id
_entity.type
_entity.pdbx_description
1 polymer 'pT1375 single-chain Fv'
2 polymer 'Spike protein S1'
3 branched alpha-D-mannopyranose-(1-6)-beta-D-mannopyranose-(1-4)-2-acetamido-2-deoxy-beta-D-glucopyranose-(1-4)-2-acetamido-2-deoxy-beta-D-glucopyranose
4 branched alpha-D-mannopyranose-(1-3)-[alpha-D-mannopyranose-(1-6)]beta-D-mannopyranose-(1-4)-2-acetamido-2-deoxy-beta-D-glucopyranose-(1-4)-[alpha-L-fucopyranose-(1-6)]2-acetamido-2-deoxy-beta-D-glucopyranose
5 non-polymer 'SULFATE ION'
6 water water
#
loop_
_entity_poly.entity_id
_entity_poly.type
_entity_poly.pdbx_seq_one_letter_code
_entity_poly.pdbx_strand_id
1 'polypeptide(L)'
;EVQLVESGGGLIQPGGSLRLSCAASGLIVSRNYMNWVRQAPGKGLEWVSVLYSGGSTFYADSVKGRFTISRDNSKNTLYL
QMNSLRAEDTAVYFCVRDLDVKGAFDIWGQGTMVSVSSGTGGSGGGGSGGGGSGGGASEIVLTQSPGTLSLSPGERATLS
CRASQSVSSSYLAWYQQKPGQAPRLLIYGASSRATGIPDRFSGSVSGTDFTLTISRLEPEDFAVYYCQQYGSSPITFGQG
TRLEIKDDDDK
;
A,C
2 'polypeptide(L)'
;NLCPFGEVFNATRFASVYAWNRKRISNCVADYSVLYNSASFSTFKCYGVSPTKLNDLCFTNVYADSFVIRGDEVRQIAPG
QTGKIADYNYKLPDDFTGCVIAWNSNNLDSKVGGNYNYLYRLFRKSNLKPFERDISTEIYQAGSTPCNGVEGFNCYFPLQ
SYGFQPTNGVGYQPYRVVVLSFELLHAPATVCGPDDDDK
;
B,D
#
loop_
_chem_comp.id
_chem_comp.type
_chem_comp.name
_chem_comp.formula
BMA D-saccharide, beta linking beta-D-mannopyranose 'C6 H12 O6'
FUC L-saccharide, alpha linking alpha-L-fucopyranose 'C6 H12 O5'
MAN D-saccharide, alpha linking alpha-D-mannopyranose 'C6 H12 O6'
NAG D-saccharide, beta linking 2-acetamido-2-deoxy-beta-D-glucopyranose 'C8 H15 N O6'
SO4 non-polymer 'SULFATE ION' 'O4 S -2'
#
# COMPACT_ATOMS: atom_id res chain seq x y z
N VAL A 2 17.83 8.08 -32.98
CA VAL A 2 16.63 7.56 -32.33
C VAL A 2 15.70 8.71 -32.02
N GLN A 3 14.41 8.59 -32.36
CA GLN A 3 13.49 9.67 -32.06
C GLN A 3 12.06 9.14 -32.03
N LEU A 4 11.21 9.81 -31.25
CA LEU A 4 9.79 9.53 -31.15
C LEU A 4 9.04 10.82 -31.47
N VAL A 5 8.10 10.75 -32.41
CA VAL A 5 7.42 11.97 -32.88
C VAL A 5 5.92 11.78 -32.72
N GLU A 6 5.32 12.51 -31.77
CA GLU A 6 3.90 12.40 -31.49
C GLU A 6 3.11 13.38 -32.33
N SER A 7 1.85 13.01 -32.57
CA SER A 7 0.92 13.91 -33.25
C SER A 7 -0.49 13.45 -32.92
N GLY A 8 -1.46 14.25 -33.33
CA GLY A 8 -2.86 13.90 -33.16
C GLY A 8 -3.58 14.62 -32.04
N GLY A 9 -2.90 15.45 -31.25
CA GLY A 9 -3.57 16.20 -30.22
C GLY A 9 -4.47 17.29 -30.78
N GLY A 10 -5.25 17.89 -29.90
CA GLY A 10 -6.13 18.96 -30.32
C GLY A 10 -6.86 19.57 -29.14
N LEU A 11 -7.71 20.55 -29.46
CA LEU A 11 -8.59 21.19 -28.50
C LEU A 11 -10.00 20.68 -28.80
N ILE A 12 -10.58 19.93 -27.88
CA ILE A 12 -11.75 19.14 -28.21
C ILE A 12 -12.80 19.31 -27.12
N GLN A 13 -14.06 19.18 -27.51
CA GLN A 13 -15.15 19.25 -26.55
C GLN A 13 -15.16 18.02 -25.64
N PRO A 14 -15.63 18.17 -24.40
CA PRO A 14 -15.72 17.00 -23.50
C PRO A 14 -16.66 15.95 -24.08
N GLY A 15 -16.27 14.69 -23.91
CA GLY A 15 -16.99 13.58 -24.49
C GLY A 15 -16.50 13.16 -25.86
N GLY A 16 -15.61 13.93 -26.49
CA GLY A 16 -15.13 13.61 -27.81
C GLY A 16 -14.04 12.57 -27.77
N SER A 17 -13.52 12.24 -28.96
CA SER A 17 -12.45 11.27 -29.10
C SER A 17 -11.26 11.89 -29.83
N LEU A 18 -10.09 11.32 -29.57
CA LEU A 18 -8.88 11.66 -30.30
C LEU A 18 -8.09 10.38 -30.50
N ARG A 19 -7.19 10.39 -31.47
CA ARG A 19 -6.24 9.30 -31.67
C ARG A 19 -4.84 9.87 -31.77
N LEU A 20 -4.00 9.55 -30.80
CA LEU A 20 -2.62 10.00 -30.83
C LEU A 20 -1.77 8.99 -31.57
N SER A 21 -0.75 9.50 -32.26
CA SER A 21 0.20 8.70 -33.01
C SER A 21 1.60 9.01 -32.51
N CYS A 22 2.48 8.01 -32.56
CA CYS A 22 3.88 8.21 -32.18
C CYS A 22 4.72 7.43 -33.19
N ALA A 23 5.30 8.15 -34.14
CA ALA A 23 6.14 7.54 -35.17
C ALA A 23 7.57 7.43 -34.64
N ALA A 24 8.11 6.22 -34.62
CA ALA A 24 9.45 5.98 -34.10
C ALA A 24 10.47 5.84 -35.23
N SER A 25 11.70 6.24 -34.93
CA SER A 25 12.84 6.03 -35.81
C SER A 25 13.99 5.55 -34.93
N GLY A 26 14.72 4.56 -35.41
CA GLY A 26 15.88 4.05 -34.67
C GLY A 26 15.58 2.94 -33.69
N LEU A 27 14.48 3.03 -32.95
CA LEU A 27 14.01 1.94 -32.11
C LEU A 27 12.78 1.33 -32.78
N ILE A 28 12.53 0.05 -32.48
CA ILE A 28 11.42 -0.70 -33.06
C ILE A 28 10.32 -0.80 -32.03
N VAL A 29 9.16 -0.19 -32.33
CA VAL A 29 8.06 -0.10 -31.36
C VAL A 29 7.66 -1.50 -30.87
N SER A 30 7.54 -2.45 -31.79
CA SER A 30 7.08 -3.80 -31.47
C SER A 30 8.07 -4.60 -30.64
N ARG A 31 9.29 -4.09 -30.44
CA ARG A 31 10.30 -4.80 -29.66
C ARG A 31 10.49 -4.21 -28.26
N ASN A 32 9.75 -3.17 -27.92
CA ASN A 32 10.02 -2.40 -26.72
C ASN A 32 8.78 -2.31 -25.85
N TYR A 33 9.03 -2.05 -24.58
CA TYR A 33 8.03 -1.55 -23.64
C TYR A 33 7.73 -0.12 -24.00
N MET A 34 6.63 0.13 -24.72
CA MET A 34 6.30 1.49 -25.12
C MET A 34 5.13 2.05 -24.33
N ASN A 35 5.28 3.30 -23.88
CA ASN A 35 4.40 3.89 -22.88
C ASN A 35 3.86 5.21 -23.38
N TRP A 36 2.72 5.59 -22.82
CA TRP A 36 2.24 6.95 -22.87
C TRP A 36 2.29 7.54 -21.46
N VAL A 37 2.84 8.74 -21.35
CA VAL A 37 2.94 9.48 -20.09
C VAL A 37 2.37 10.86 -20.35
N ARG A 38 1.64 11.42 -19.39
CA ARG A 38 1.00 12.71 -19.62
C ARG A 38 1.33 13.71 -18.52
N GLN A 39 1.21 14.99 -18.87
CA GLN A 39 1.55 16.08 -17.96
C GLN A 39 0.51 17.18 -18.10
N ALA A 40 -0.33 17.33 -17.09
CA ALA A 40 -1.34 18.38 -17.09
C ALA A 40 -0.67 19.75 -16.94
N PRO A 41 -1.31 20.82 -17.42
CA PRO A 41 -0.69 22.14 -17.35
C PRO A 41 -0.26 22.55 -15.94
N GLY A 42 1.04 22.80 -15.77
CA GLY A 42 1.54 23.20 -14.48
C GLY A 42 1.65 22.12 -13.44
N LYS A 43 1.49 20.85 -13.83
CA LYS A 43 1.49 19.74 -12.90
C LYS A 43 2.59 18.76 -13.27
N GLY A 44 2.60 17.63 -12.57
CA GLY A 44 3.63 16.63 -12.74
C GLY A 44 3.28 15.60 -13.81
N LEU A 45 4.04 14.50 -13.79
CA LEU A 45 3.95 13.44 -14.79
C LEU A 45 3.06 12.32 -14.27
N GLU A 46 2.27 11.73 -15.18
CA GLU A 46 1.36 10.65 -14.85
C GLU A 46 1.48 9.56 -15.91
N TRP A 47 1.83 8.35 -15.49
CA TRP A 47 1.85 7.22 -16.41
C TRP A 47 0.43 6.87 -16.85
N VAL A 48 0.26 6.59 -18.15
CA VAL A 48 -1.06 6.36 -18.74
C VAL A 48 -1.24 4.90 -19.17
N SER A 49 -0.31 4.37 -19.97
CA SER A 49 -0.49 3.03 -20.56
C SER A 49 0.85 2.48 -21.01
N VAL A 50 0.94 1.14 -21.11
CA VAL A 50 2.09 0.48 -21.71
C VAL A 50 1.62 -0.66 -22.61
N LEU A 51 2.40 -0.90 -23.66
CA LEU A 51 2.24 -2.04 -24.58
C LEU A 51 3.55 -2.81 -24.61
N TYR A 52 3.50 -4.08 -24.21
CA TYR A 52 4.67 -4.94 -24.19
C TYR A 52 5.00 -5.42 -25.60
N SER A 53 6.28 -5.79 -25.83
CA SER A 53 6.65 -6.38 -27.11
C SER A 53 5.78 -7.60 -27.44
N GLY A 54 5.47 -8.43 -26.44
CA GLY A 54 4.65 -9.60 -26.68
C GLY A 54 3.16 -9.35 -26.77
N GLY A 55 2.73 -8.11 -26.53
CA GLY A 55 1.36 -7.70 -26.76
C GLY A 55 0.54 -7.37 -25.53
N SER A 56 1.00 -7.70 -24.32
CA SER A 56 0.23 -7.36 -23.13
C SER A 56 0.11 -5.85 -23.00
N THR A 57 -1.05 -5.41 -22.49
CA THR A 57 -1.30 -3.99 -22.28
C THR A 57 -1.74 -3.72 -20.85
N PHE A 58 -1.37 -2.55 -20.33
CA PHE A 58 -1.80 -2.13 -18.99
C PHE A 58 -2.13 -0.65 -19.02
N TYR A 59 -3.04 -0.24 -18.13
CA TYR A 59 -3.58 1.12 -18.16
C TYR A 59 -3.68 1.66 -16.74
N ALA A 60 -3.52 2.99 -16.62
CA ALA A 60 -3.87 3.66 -15.38
C ALA A 60 -5.36 3.51 -15.10
N ASP A 61 -5.72 3.38 -13.82
CA ASP A 61 -7.13 3.21 -13.45
C ASP A 61 -8.00 4.31 -14.04
N SER A 62 -7.48 5.54 -14.10
CA SER A 62 -8.31 6.67 -14.51
C SER A 62 -8.67 6.66 -15.99
N VAL A 63 -8.00 5.84 -16.81
CA VAL A 63 -8.29 5.80 -18.24
C VAL A 63 -8.82 4.45 -18.69
N LYS A 64 -8.94 3.49 -17.78
CA LYS A 64 -9.44 2.15 -18.12
C LYS A 64 -10.82 2.22 -18.76
N GLY A 65 -10.99 1.48 -19.84
CA GLY A 65 -12.25 1.46 -20.54
C GLY A 65 -12.49 2.66 -21.41
N ARG A 66 -11.59 3.64 -21.40
CA ARG A 66 -11.71 4.82 -22.26
C ARG A 66 -10.60 4.91 -23.28
N PHE A 67 -9.37 4.58 -22.91
CA PHE A 67 -8.21 4.66 -23.79
C PHE A 67 -7.77 3.26 -24.21
N THR A 68 -7.20 3.18 -25.41
CA THR A 68 -6.64 1.92 -25.90
C THR A 68 -5.28 2.17 -26.54
N ILE A 69 -4.27 1.40 -26.13
CA ILE A 69 -2.94 1.49 -26.71
C ILE A 69 -2.79 0.40 -27.77
N SER A 70 -2.09 0.71 -28.86
CA SER A 70 -1.92 -0.24 -29.96
C SER A 70 -0.71 0.19 -30.78
N ARG A 71 -0.36 -0.64 -31.77
CA ARG A 71 0.76 -0.32 -32.63
C ARG A 71 0.54 -0.90 -34.02
N ASP A 72 1.27 -0.35 -34.98
CA ASP A 72 1.29 -0.84 -36.36
C ASP A 72 2.76 -1.12 -36.66
N ASN A 73 3.14 -2.41 -36.65
CA ASN A 73 4.54 -2.76 -36.87
C ASN A 73 5.03 -2.28 -38.23
N SER A 74 4.20 -2.38 -39.26
CA SER A 74 4.63 -1.97 -40.59
C SER A 74 4.89 -0.47 -40.68
N LYS A 75 4.28 0.32 -39.81
CA LYS A 75 4.48 1.76 -39.78
C LYS A 75 5.41 2.19 -38.67
N ASN A 76 5.89 1.24 -37.86
CA ASN A 76 6.71 1.49 -36.67
C ASN A 76 6.14 2.64 -35.84
N THR A 77 4.84 2.52 -35.54
CA THR A 77 4.08 3.59 -34.91
C THR A 77 3.26 3.02 -33.75
N LEU A 78 3.25 3.75 -32.65
CA LEU A 78 2.41 3.51 -31.48
C LEU A 78 1.21 4.46 -31.49
N TYR A 79 0.06 3.98 -31.02
CA TYR A 79 -1.16 4.78 -31.01
C TYR A 79 -1.76 4.82 -29.61
N LEU A 80 -2.52 5.88 -29.34
CA LEU A 80 -3.37 5.95 -28.16
C LEU A 80 -4.75 6.43 -28.62
N GLN A 81 -5.72 5.52 -28.64
CA GLN A 81 -7.10 5.91 -28.91
C GLN A 81 -7.72 6.43 -27.62
N MET A 82 -8.27 7.64 -27.65
CA MET A 82 -8.82 8.28 -26.46
C MET A 82 -10.29 8.57 -26.70
N ASN A 83 -11.18 7.87 -26.00
CA ASN A 83 -12.62 8.10 -26.09
C ASN A 83 -13.14 8.69 -24.79
N SER A 84 -14.34 9.28 -24.87
CA SER A 84 -15.02 9.84 -23.70
C SER A 84 -14.10 10.78 -22.93
N LEU A 85 -13.53 11.74 -23.65
CA LEU A 85 -12.54 12.63 -23.07
C LEU A 85 -13.18 13.52 -22.00
N ARG A 86 -12.42 13.79 -20.94
CA ARG A 86 -12.85 14.57 -19.78
C ARG A 86 -11.91 15.75 -19.62
N ALA A 87 -12.36 16.77 -18.88
CA ALA A 87 -11.51 17.91 -18.60
C ALA A 87 -10.19 17.46 -17.98
N GLU A 88 -10.26 16.49 -17.07
CA GLU A 88 -9.08 16.00 -16.38
C GLU A 88 -8.09 15.30 -17.31
N ASP A 89 -8.47 15.01 -18.56
CA ASP A 89 -7.55 14.43 -19.53
C ASP A 89 -6.66 15.48 -20.19
N THR A 90 -6.88 16.76 -19.91
CA THR A 90 -6.08 17.82 -20.51
C THR A 90 -4.63 17.69 -20.04
N ALA A 91 -3.70 17.60 -20.99
CA ALA A 91 -2.29 17.35 -20.71
C ALA A 91 -1.51 17.39 -22.02
N VAL A 92 -0.18 17.51 -21.91
CA VAL A 92 0.70 17.09 -22.98
C VAL A 92 0.94 15.60 -22.84
N TYR A 93 0.81 14.86 -23.94
CA TYR A 93 0.98 13.42 -23.95
C TYR A 93 2.31 13.07 -24.61
N PHE A 94 3.16 12.32 -23.88
CA PHE A 94 4.47 11.90 -24.35
C PHE A 94 4.49 10.41 -24.64
N CYS A 95 5.11 10.06 -25.76
CA CYS A 95 5.48 8.69 -26.11
C CYS A 95 6.87 8.40 -25.54
N VAL A 96 7.05 7.26 -24.87
CA VAL A 96 8.27 6.98 -24.11
C VAL A 96 8.63 5.50 -24.21
N ARG A 97 9.92 5.21 -24.39
CA ARG A 97 10.43 3.83 -24.34
C ARG A 97 10.99 3.57 -22.95
N ASP A 98 10.66 2.40 -22.39
CA ASP A 98 11.07 2.01 -21.04
C ASP A 98 12.06 0.85 -21.12
N LEU A 99 13.21 1.02 -20.46
CA LEU A 99 14.20 -0.04 -20.27
C LEU A 99 14.16 -0.64 -18.87
N ASP A 100 13.26 -0.14 -18.00
CA ASP A 100 13.01 -0.76 -16.69
C ASP A 100 14.31 -0.70 -15.90
N VAL A 101 14.72 -1.77 -15.23
CA VAL A 101 15.92 -1.68 -14.40
C VAL A 101 17.17 -1.50 -15.23
N LYS A 102 17.10 -1.74 -16.54
CA LYS A 102 18.26 -1.54 -17.41
C LYS A 102 18.37 -0.13 -17.98
N GLY A 103 17.48 0.79 -17.62
CA GLY A 103 17.66 2.16 -18.09
C GLY A 103 16.47 3.10 -17.98
N ALA A 104 15.35 2.65 -17.42
CA ALA A 104 14.17 3.49 -17.11
C ALA A 104 13.64 4.15 -18.40
N PHE A 105 13.00 5.33 -18.27
CA PHE A 105 12.37 6.02 -19.40
C PHE A 105 13.45 6.84 -20.12
N ASP A 106 14.18 6.21 -21.05
CA ASP A 106 15.34 6.89 -21.61
C ASP A 106 15.04 7.71 -22.87
N ILE A 107 14.10 7.27 -23.71
CA ILE A 107 13.75 8.00 -24.94
C ILE A 107 12.34 8.55 -24.78
N TRP A 108 12.21 9.88 -24.94
CA TRP A 108 10.93 10.57 -24.92
C TRP A 108 10.69 11.30 -26.24
N GLY A 109 9.43 11.35 -26.64
CA GLY A 109 9.04 12.22 -27.73
C GLY A 109 8.94 13.66 -27.24
N GLN A 110 8.56 14.54 -28.17
CA GLN A 110 8.42 15.97 -27.86
C GLN A 110 7.06 16.28 -27.25
N GLY A 111 6.09 15.41 -27.39
CA GLY A 111 4.80 15.61 -26.79
C GLY A 111 3.78 16.18 -27.77
N THR A 112 2.52 15.89 -27.52
CA THR A 112 1.41 16.47 -28.27
C THR A 112 0.35 16.93 -27.29
N MET A 113 -0.17 18.14 -27.49
CA MET A 113 -1.06 18.75 -26.49
C MET A 113 -2.50 18.34 -26.72
N VAL A 114 -3.18 17.96 -25.65
CA VAL A 114 -4.61 17.60 -25.66
C VAL A 114 -5.31 18.52 -24.67
N SER A 115 -6.26 19.30 -25.15
CA SER A 115 -7.03 20.21 -24.31
C SER A 115 -8.51 19.86 -24.44
N VAL A 116 -9.16 19.65 -23.30
CA VAL A 116 -10.57 19.25 -23.27
C VAL A 116 -11.33 20.32 -22.50
N SER A 117 -12.21 21.05 -23.19
CA SER A 117 -13.08 22.03 -22.52
C SER A 117 -14.21 22.55 -23.40
N SER A 138 -3.22 1.25 -3.50
CA SER A 138 -3.63 1.92 -4.74
C SER A 138 -2.41 2.24 -5.58
N GLU A 139 -1.58 3.16 -5.11
CA GLU A 139 -0.33 3.45 -5.80
C GLU A 139 0.65 4.05 -4.82
N ILE A 140 1.93 3.90 -5.13
CA ILE A 140 2.98 4.47 -4.29
C ILE A 140 3.05 5.97 -4.55
N VAL A 141 2.88 6.77 -3.49
CA VAL A 141 2.96 8.22 -3.58
C VAL A 141 4.40 8.64 -3.31
N LEU A 142 4.95 9.44 -4.21
CA LEU A 142 6.30 9.98 -4.07
C LEU A 142 6.18 11.46 -3.73
N THR A 143 6.73 11.86 -2.59
CA THR A 143 6.65 13.24 -2.13
C THR A 143 8.02 13.89 -2.25
N GLN A 144 8.12 14.94 -3.07
CA GLN A 144 9.38 15.66 -3.26
C GLN A 144 9.44 16.91 -2.41
N SER A 145 10.66 17.22 -1.95
CA SER A 145 10.89 18.37 -1.08
C SER A 145 12.21 19.03 -1.47
N PRO A 146 12.28 20.36 -1.45
CA PRO A 146 11.15 21.25 -1.23
C PRO A 146 10.34 21.39 -2.52
N GLY A 147 9.17 22.03 -2.48
CA GLY A 147 8.44 22.25 -3.71
C GLY A 147 9.20 23.17 -4.65
N THR A 148 9.77 24.24 -4.12
CA THR A 148 10.63 25.14 -4.87
C THR A 148 11.95 25.28 -4.13
N LEU A 149 13.04 25.09 -4.85
CA LEU A 149 14.40 25.17 -4.30
C LEU A 149 15.10 26.35 -4.95
N SER A 150 15.43 27.37 -4.15
CA SER A 150 16.05 28.59 -4.64
C SER A 150 17.49 28.64 -4.16
N LEU A 151 18.44 28.64 -5.11
CA LEU A 151 19.86 28.58 -4.79
C LEU A 151 20.65 29.38 -5.82
N SER A 152 21.95 29.67 -5.50
CA SER A 152 22.83 30.41 -6.40
C SER A 152 23.72 29.47 -7.20
N PRO A 153 24.12 29.87 -8.41
CA PRO A 153 25.11 29.09 -9.17
C PRO A 153 26.35 28.85 -8.33
N GLY A 154 26.91 27.64 -8.43
CA GLY A 154 28.11 27.26 -7.71
C GLY A 154 27.85 26.51 -6.42
N GLU A 155 26.65 26.64 -5.85
CA GLU A 155 26.22 26.01 -4.61
C GLU A 155 25.88 24.54 -4.83
N ARG A 156 25.86 23.78 -3.74
CA ARG A 156 25.37 22.41 -3.73
C ARG A 156 23.85 22.41 -3.55
N ALA A 157 23.16 21.59 -4.34
CA ALA A 157 21.72 21.44 -4.23
C ALA A 157 21.40 20.03 -3.78
N THR A 158 20.50 19.90 -2.81
CA THR A 158 19.98 18.59 -2.41
C THR A 158 18.47 18.58 -2.58
N LEU A 159 17.96 17.56 -3.27
CA LEU A 159 16.54 17.39 -3.55
C LEU A 159 16.12 16.04 -3.00
N SER A 160 14.97 15.99 -2.35
CA SER A 160 14.52 14.78 -1.67
C SER A 160 13.25 14.23 -2.29
N CYS A 161 13.12 12.91 -2.23
CA CYS A 161 11.96 12.18 -2.75
C CYS A 161 11.69 11.06 -1.78
N ARG A 162 10.53 11.08 -1.11
CA ARG A 162 10.20 10.08 -0.10
C ARG A 162 8.96 9.32 -0.53
N ALA A 163 9.03 7.99 -0.48
CA ALA A 163 7.96 7.12 -0.95
C ALA A 163 7.03 6.72 0.18
N SER A 164 5.75 6.49 -0.17
CA SER A 164 4.75 6.14 0.84
C SER A 164 4.91 4.72 1.34
N GLN A 165 5.67 3.89 0.64
CA GLN A 165 6.06 2.58 1.15
C GLN A 165 7.41 2.24 0.52
N SER A 166 8.02 1.16 0.98
CA SER A 166 9.39 0.84 0.58
C SER A 166 9.48 0.59 -0.92
N VAL A 167 10.50 1.16 -1.56
CA VAL A 167 10.83 0.90 -2.96
C VAL A 167 12.30 0.51 -3.03
N SER A 168 12.58 -0.67 -3.56
CA SER A 168 13.96 -1.11 -3.70
C SER A 168 14.74 -0.15 -4.61
N SER A 169 16.03 0.02 -4.31
CA SER A 169 16.81 1.05 -5.00
C SER A 169 16.94 0.79 -6.50
N SER A 170 16.79 -0.45 -6.95
CA SER A 170 16.87 -0.72 -8.37
C SER A 170 15.78 -0.05 -9.18
N TYR A 171 14.71 0.46 -8.53
CA TYR A 171 13.49 0.86 -9.23
C TYR A 171 13.19 2.35 -9.07
N LEU A 172 14.23 3.16 -8.90
CA LEU A 172 14.10 4.60 -8.67
C LEU A 172 14.87 5.39 -9.72
N ALA A 173 14.27 6.48 -10.23
CA ALA A 173 14.97 7.29 -11.22
C ALA A 173 14.68 8.77 -10.98
N TRP A 174 15.58 9.61 -11.53
CA TRP A 174 15.47 11.07 -11.50
C TRP A 174 15.45 11.63 -12.92
N TYR A 175 14.59 12.64 -13.15
CA TYR A 175 14.47 13.29 -14.45
C TYR A 175 14.60 14.78 -14.29
N GLN A 176 15.07 15.43 -15.36
CA GLN A 176 15.16 16.89 -15.43
C GLN A 176 14.28 17.36 -16.57
N GLN A 177 13.51 18.43 -16.34
CA GLN A 177 12.66 18.97 -17.40
C GLN A 177 12.82 20.47 -17.47
N LYS A 178 13.25 20.95 -18.61
CA LYS A 178 13.33 22.37 -18.89
C LYS A 178 12.06 22.85 -19.59
N PRO A 179 11.77 24.14 -19.56
CA PRO A 179 10.49 24.62 -20.09
C PRO A 179 10.30 24.27 -21.55
N GLY A 180 9.10 23.76 -21.88
CA GLY A 180 8.76 23.41 -23.24
C GLY A 180 9.36 22.12 -23.74
N GLN A 181 10.20 21.45 -22.95
CA GLN A 181 10.88 20.24 -23.36
C GLN A 181 10.29 19.02 -22.66
N ALA A 182 10.59 17.85 -23.21
CA ALA A 182 10.28 16.61 -22.54
C ALA A 182 11.25 16.41 -21.37
N PRO A 183 10.87 15.62 -20.38
CA PRO A 183 11.82 15.24 -19.33
C PRO A 183 13.01 14.49 -19.93
N ARG A 184 14.14 14.58 -19.24
CA ARG A 184 15.38 13.93 -19.61
C ARG A 184 15.84 13.06 -18.45
N LEU A 185 16.15 11.79 -18.72
CA LEU A 185 16.64 10.90 -17.68
C LEU A 185 17.99 11.36 -17.16
N LEU A 186 18.12 11.48 -15.85
CA LEU A 186 19.40 11.78 -15.19
C LEU A 186 20.04 10.54 -14.59
N ILE A 187 19.27 9.81 -13.79
CA ILE A 187 19.78 8.73 -12.95
C ILE A 187 18.71 7.66 -12.89
N TYR A 188 19.11 6.40 -13.00
CA TYR A 188 18.20 5.28 -12.84
C TYR A 188 18.83 4.28 -11.87
N GLY A 189 18.03 3.34 -11.36
CA GLY A 189 18.57 2.45 -10.35
C GLY A 189 19.12 3.18 -9.15
N ALA A 190 18.50 4.30 -8.79
CA ALA A 190 18.82 5.19 -7.67
C ALA A 190 20.13 5.94 -7.83
N SER A 191 21.15 5.31 -8.44
CA SER A 191 22.48 5.92 -8.43
C SER A 191 23.26 5.79 -9.74
N SER A 192 22.71 5.16 -10.78
CA SER A 192 23.42 5.01 -12.04
C SER A 192 23.12 6.22 -12.92
N ARG A 193 24.15 6.99 -13.28
CA ARG A 193 23.92 8.11 -14.19
C ARG A 193 23.62 7.60 -15.60
N ALA A 194 22.64 8.21 -16.23
CA ALA A 194 22.42 7.93 -17.65
C ALA A 194 23.61 8.41 -18.47
N THR A 195 23.72 7.86 -19.69
CA THR A 195 24.82 8.23 -20.58
C THR A 195 24.84 9.73 -20.84
N GLY A 196 26.03 10.34 -20.72
CA GLY A 196 26.21 11.75 -21.01
C GLY A 196 25.84 12.70 -19.89
N ILE A 197 25.40 12.21 -18.74
CA ILE A 197 25.01 13.09 -17.64
C ILE A 197 26.27 13.42 -16.84
N PRO A 198 26.53 14.70 -16.54
CA PRO A 198 27.78 15.05 -15.85
C PRO A 198 27.85 14.47 -14.45
N ASP A 199 29.08 14.28 -13.96
CA ASP A 199 29.21 13.62 -12.66
C ASP A 199 28.84 14.53 -11.49
N ARG A 200 28.53 15.80 -11.72
CA ARG A 200 28.04 16.60 -10.60
C ARG A 200 26.65 16.19 -10.15
N PHE A 201 25.92 15.38 -10.94
CA PHE A 201 24.65 14.81 -10.54
C PHE A 201 24.89 13.46 -9.86
N SER A 202 24.31 13.25 -8.68
CA SER A 202 24.46 11.94 -8.05
C SER A 202 23.20 11.59 -7.26
N GLY A 203 22.90 10.30 -7.20
CA GLY A 203 21.69 9.82 -6.56
C GLY A 203 22.05 8.87 -5.44
N SER A 204 21.24 8.87 -4.39
CA SER A 204 21.50 8.00 -3.26
C SER A 204 20.18 7.73 -2.54
N VAL A 205 20.17 6.66 -1.76
CA VAL A 205 19.03 6.27 -0.92
C VAL A 205 19.52 6.12 0.51
N SER A 206 18.80 6.73 1.45
CA SER A 206 19.12 6.64 2.87
C SER A 206 17.80 6.49 3.61
N GLY A 207 17.50 5.28 4.05
CA GLY A 207 16.18 5.03 4.64
C GLY A 207 15.13 5.03 3.54
N THR A 208 14.03 5.74 3.78
CA THR A 208 12.99 5.93 2.78
C THR A 208 13.20 7.18 1.94
N ASP A 209 14.29 7.91 2.19
CA ASP A 209 14.59 9.13 1.43
C ASP A 209 15.50 8.81 0.26
N PHE A 210 15.08 9.26 -0.92
CA PHE A 210 15.82 9.15 -2.17
C PHE A 210 16.25 10.57 -2.56
N THR A 211 17.57 10.81 -2.65
CA THR A 211 18.05 12.17 -2.85
C THR A 211 18.78 12.33 -4.18
N LEU A 212 18.62 13.50 -4.78
CA LEU A 212 19.43 13.92 -5.92
C LEU A 212 20.32 15.06 -5.42
N THR A 213 21.62 14.95 -5.66
CA THR A 213 22.55 15.99 -5.25
C THR A 213 23.22 16.55 -6.50
N ILE A 214 23.28 17.87 -6.59
CA ILE A 214 24.03 18.56 -7.64
C ILE A 214 25.16 19.28 -6.90
N SER A 215 26.40 18.81 -7.09
CA SER A 215 27.50 19.23 -6.21
C SER A 215 27.89 20.69 -6.44
N ARG A 216 27.70 21.20 -7.64
CA ARG A 216 28.05 22.59 -7.97
C ARG A 216 27.09 23.03 -9.07
N LEU A 217 26.16 23.94 -8.74
CA LEU A 217 25.09 24.29 -9.66
C LEU A 217 25.62 25.11 -10.83
N GLU A 218 25.28 24.69 -12.05
CA GLU A 218 25.58 25.47 -13.24
C GLU A 218 24.31 26.18 -13.69
N PRO A 219 24.42 27.27 -14.44
CA PRO A 219 23.20 28.01 -14.85
C PRO A 219 22.20 27.16 -15.62
N GLU A 220 22.67 26.16 -16.37
CA GLU A 220 21.78 25.28 -17.13
C GLU A 220 21.05 24.28 -16.24
N ASP A 221 21.41 24.19 -14.96
CA ASP A 221 20.80 23.21 -14.08
C ASP A 221 19.47 23.67 -13.51
N PHE A 222 19.08 24.91 -13.72
CA PHE A 222 17.83 25.37 -13.16
C PHE A 222 16.69 24.91 -14.05
N ALA A 223 15.80 24.11 -13.48
CA ALA A 223 14.84 23.26 -14.18
C ALA A 223 13.89 22.68 -13.14
N VAL A 224 12.94 21.87 -13.61
CA VAL A 224 12.07 21.10 -12.72
C VAL A 224 12.59 19.67 -12.68
N TYR A 225 12.63 19.09 -11.48
CA TYR A 225 13.18 17.74 -11.29
C TYR A 225 12.11 16.81 -10.75
N TYR A 226 11.99 15.64 -11.37
CA TYR A 226 11.01 14.63 -10.98
C TYR A 226 11.71 13.35 -10.58
N CYS A 227 11.25 12.74 -9.50
CA CYS A 227 11.60 11.36 -9.20
C CYS A 227 10.50 10.42 -9.71
N GLN A 228 10.86 9.15 -9.83
CA GLN A 228 10.01 8.14 -10.43
C GLN A 228 10.31 6.82 -9.75
N GLN A 229 9.26 6.03 -9.46
CA GLN A 229 9.45 4.63 -9.10
C GLN A 229 8.80 3.75 -10.18
N TYR A 230 9.48 2.66 -10.52
CA TYR A 230 8.95 1.72 -11.53
C TYR A 230 9.03 0.28 -11.01
N GLY A 231 8.98 0.12 -9.69
CA GLY A 231 9.02 -1.21 -9.08
C GLY A 231 7.67 -1.79 -8.75
N SER A 232 6.65 -0.94 -8.64
CA SER A 232 5.29 -1.36 -8.31
C SER A 232 4.32 -0.73 -9.29
N SER A 233 3.32 -1.50 -9.68
CA SER A 233 2.38 -0.92 -10.64
C SER A 233 1.26 -0.18 -9.92
N PRO A 234 0.85 1.01 -10.41
CA PRO A 234 1.37 1.73 -11.56
C PRO A 234 2.68 2.46 -11.31
N ILE A 235 3.46 2.63 -12.38
CA ILE A 235 4.58 3.55 -12.34
C ILE A 235 4.08 4.90 -11.85
N THR A 236 4.81 5.51 -10.91
CA THR A 236 4.40 6.82 -10.40
C THR A 236 5.61 7.76 -10.34
N PHE A 237 5.28 9.06 -10.37
CA PHE A 237 6.26 10.14 -10.31
C PHE A 237 5.97 11.03 -9.10
N GLY A 238 7.02 11.66 -8.57
CA GLY A 238 6.81 12.73 -7.62
C GLY A 238 6.20 13.96 -8.29
N GLN A 239 5.77 14.91 -7.46
CA GLN A 239 5.08 16.10 -7.94
C GLN A 239 6.03 17.16 -8.50
N GLY A 240 7.34 16.96 -8.36
CA GLY A 240 8.33 17.85 -8.93
C GLY A 240 8.89 18.88 -7.96
N THR A 241 10.18 19.18 -8.10
CA THR A 241 10.83 20.29 -7.40
C THR A 241 11.28 21.31 -8.45
N ARG A 242 10.85 22.56 -8.30
CA ARG A 242 11.31 23.63 -9.18
C ARG A 242 12.61 24.20 -8.63
N LEU A 243 13.70 24.02 -9.36
CA LEU A 243 15.00 24.55 -8.97
C LEU A 243 15.23 25.86 -9.72
N GLU A 244 15.27 26.97 -8.98
CA GLU A 244 15.35 28.29 -9.59
C GLU A 244 16.54 29.06 -8.99
N ILE A 245 16.92 30.14 -9.66
CA ILE A 245 18.02 30.99 -9.22
C ILE A 245 17.56 31.90 -8.10
N LYS A 246 18.38 32.00 -7.05
CA LYS A 246 18.12 32.94 -5.95
C LYS A 246 18.25 34.40 -6.38
N ASN B 1 7.35 -46.52 -1.29
CA ASN B 1 8.15 -45.33 -1.13
C ASN B 1 7.34 -44.04 -1.10
N LEU B 2 7.74 -43.15 -0.20
CA LEU B 2 7.15 -41.82 -0.10
C LEU B 2 7.56 -40.96 -1.30
N CYS B 3 6.63 -40.17 -1.80
CA CYS B 3 6.96 -39.27 -2.89
C CYS B 3 7.98 -38.25 -2.40
N PRO B 4 8.99 -37.93 -3.19
CA PRO B 4 10.11 -37.10 -2.73
C PRO B 4 9.81 -35.61 -2.72
N PHE B 5 8.67 -35.23 -2.14
CA PHE B 5 8.31 -33.82 -2.12
C PHE B 5 9.26 -33.01 -1.23
N GLY B 6 9.88 -33.66 -0.24
CA GLY B 6 10.87 -32.97 0.58
C GLY B 6 12.04 -32.46 -0.26
N GLU B 7 12.45 -33.25 -1.26
CA GLU B 7 13.54 -32.83 -2.13
C GLU B 7 13.17 -31.57 -2.89
N VAL B 8 11.89 -31.39 -3.20
CA VAL B 8 11.44 -30.22 -3.95
C VAL B 8 11.24 -29.05 -3.00
N PHE B 9 10.43 -29.23 -1.96
CA PHE B 9 10.05 -28.09 -1.12
C PHE B 9 11.18 -27.64 -0.21
N ASN B 10 12.04 -28.56 0.22
CA ASN B 10 13.08 -28.24 1.19
C ASN B 10 14.47 -28.22 0.55
N ALA B 11 14.52 -28.08 -0.77
CA ALA B 11 15.80 -27.97 -1.47
C ALA B 11 16.55 -26.74 -1.00
N THR B 12 17.89 -26.87 -0.92
CA THR B 12 18.71 -25.77 -0.43
C THR B 12 18.68 -24.57 -1.38
N ARG B 13 18.80 -24.83 -2.68
CA ARG B 13 18.78 -23.79 -3.69
C ARG B 13 17.61 -24.03 -4.64
N PHE B 14 17.02 -22.95 -5.12
CA PHE B 14 15.95 -23.04 -6.11
C PHE B 14 16.45 -22.53 -7.45
N ALA B 15 15.72 -22.88 -8.51
CA ALA B 15 16.05 -22.41 -9.86
C ALA B 15 15.63 -20.96 -10.06
N SER B 16 16.30 -20.27 -10.98
CA SER B 16 15.79 -19.00 -11.50
C SER B 16 14.52 -19.25 -12.29
N VAL B 17 13.62 -18.27 -12.27
CA VAL B 17 12.33 -18.46 -12.93
C VAL B 17 12.50 -18.66 -14.43
N TYR B 18 13.44 -17.96 -15.07
CA TYR B 18 13.59 -18.14 -16.51
C TYR B 18 14.08 -19.55 -16.84
N ALA B 19 14.81 -20.17 -15.92
CA ALA B 19 15.36 -21.51 -16.07
C ALA B 19 14.67 -22.49 -15.13
N TRP B 20 13.34 -22.40 -15.06
CA TRP B 20 12.60 -23.05 -13.98
C TRP B 20 12.79 -24.56 -14.03
N ASN B 21 12.82 -25.18 -12.85
CA ASN B 21 13.11 -26.61 -12.74
C ASN B 21 11.81 -27.40 -12.81
N ARG B 22 11.88 -28.59 -13.41
CA ARG B 22 10.75 -29.51 -13.39
C ARG B 22 11.21 -30.85 -12.85
N LYS B 23 10.48 -31.38 -11.88
CA LYS B 23 10.70 -32.72 -11.36
C LYS B 23 9.45 -33.55 -11.58
N ARG B 24 9.62 -34.71 -12.21
CA ARG B 24 8.51 -35.65 -12.36
C ARG B 24 8.42 -36.54 -11.13
N ILE B 25 7.22 -36.66 -10.58
CA ILE B 25 6.94 -37.48 -9.41
C ILE B 25 6.23 -38.74 -9.91
N SER B 26 6.70 -39.91 -9.48
CA SER B 26 6.01 -41.13 -9.90
C SER B 26 6.37 -42.26 -8.97
N ASN B 27 5.55 -43.32 -9.01
CA ASN B 27 5.84 -44.58 -8.34
C ASN B 27 6.04 -44.37 -6.84
N CYS B 28 5.08 -43.72 -6.20
CA CYS B 28 5.24 -43.34 -4.81
C CYS B 28 3.89 -43.00 -4.20
N VAL B 29 3.89 -42.90 -2.87
CA VAL B 29 2.70 -42.55 -2.09
C VAL B 29 2.94 -41.18 -1.45
N ALA B 30 1.90 -40.34 -1.44
CA ALA B 30 1.99 -39.02 -0.85
C ALA B 30 0.83 -38.79 0.10
N ASP B 31 1.08 -38.00 1.15
CA ASP B 31 0.00 -37.47 2.00
C ASP B 31 0.00 -35.96 1.76
N TYR B 32 -0.97 -35.49 0.99
CA TYR B 32 -1.01 -34.07 0.65
C TYR B 32 -1.40 -33.18 1.81
N SER B 33 -1.95 -33.74 2.89
CA SER B 33 -2.25 -32.91 4.06
C SER B 33 -0.97 -32.37 4.68
N VAL B 34 0.16 -33.05 4.50
CA VAL B 34 1.44 -32.52 4.97
C VAL B 34 1.71 -31.16 4.34
N LEU B 35 1.33 -31.00 3.08
CA LEU B 35 1.47 -29.70 2.41
C LEU B 35 0.35 -28.74 2.80
N TYR B 36 -0.92 -29.14 2.59
CA TYR B 36 -1.95 -28.10 2.69
C TYR B 36 -2.24 -27.68 4.13
N ASN B 37 -1.91 -28.51 5.12
CA ASN B 37 -2.05 -28.10 6.52
C ASN B 37 -1.03 -27.04 6.94
N SER B 38 0.01 -26.81 6.14
CA SER B 38 1.15 -26.04 6.62
C SER B 38 0.84 -24.55 6.71
N ALA B 39 1.15 -23.95 7.87
CA ALA B 39 1.04 -22.51 8.04
C ALA B 39 2.15 -21.75 7.34
N SER B 40 3.09 -22.44 6.70
CA SER B 40 4.21 -21.80 6.03
C SER B 40 3.88 -21.25 4.66
N PHE B 41 2.83 -21.76 4.01
CA PHE B 41 2.55 -21.41 2.61
C PHE B 41 1.59 -20.22 2.54
N SER B 42 2.12 -19.06 2.16
CA SER B 42 1.27 -17.89 2.01
C SER B 42 0.41 -17.94 0.75
N THR B 43 0.78 -18.76 -0.22
CA THR B 43 -0.07 -19.06 -1.35
C THR B 43 -0.26 -20.56 -1.43
N PHE B 44 -1.51 -21.00 -1.57
CA PHE B 44 -1.85 -22.41 -1.80
C PHE B 44 -3.17 -22.40 -2.56
N LYS B 45 -3.09 -22.22 -3.87
CA LYS B 45 -4.27 -22.00 -4.70
C LYS B 45 -4.35 -23.12 -5.72
N CYS B 46 -5.46 -23.83 -5.73
CA CYS B 46 -5.63 -24.96 -6.63
C CYS B 46 -6.71 -24.66 -7.67
N TYR B 47 -6.53 -25.30 -8.82
CA TYR B 47 -7.37 -25.09 -10.00
C TYR B 47 -7.76 -26.46 -10.51
N GLY B 48 -9.06 -26.73 -10.57
CA GLY B 48 -9.55 -28.02 -11.04
C GLY B 48 -9.46 -29.15 -10.04
N VAL B 49 -8.66 -29.03 -8.99
CA VAL B 49 -8.58 -30.02 -7.94
C VAL B 49 -8.76 -29.34 -6.60
N SER B 50 -9.37 -30.04 -5.68
CA SER B 50 -9.43 -29.58 -4.30
C SER B 50 -8.30 -30.23 -3.51
N PRO B 51 -7.49 -29.48 -2.77
CA PRO B 51 -6.33 -30.10 -2.11
C PRO B 51 -6.70 -31.17 -1.10
N THR B 52 -7.87 -31.04 -0.47
CA THR B 52 -8.31 -32.04 0.48
C THR B 52 -8.79 -33.32 -0.20
N LYS B 53 -8.86 -33.35 -1.53
CA LYS B 53 -9.25 -34.54 -2.28
C LYS B 53 -8.10 -35.16 -3.05
N LEU B 54 -6.91 -34.55 -3.03
CA LEU B 54 -5.77 -35.09 -3.77
C LEU B 54 -5.39 -36.49 -3.27
N ASN B 55 -5.61 -36.77 -1.99
CA ASN B 55 -5.33 -38.09 -1.43
C ASN B 55 -6.24 -39.18 -1.96
N ASP B 56 -7.31 -38.83 -2.69
CA ASP B 56 -8.37 -39.77 -3.03
C ASP B 56 -8.16 -40.51 -4.34
N LEU B 57 -7.09 -40.22 -5.08
CA LEU B 57 -6.95 -40.68 -6.45
C LEU B 57 -5.49 -41.02 -6.72
N CYS B 58 -5.23 -42.08 -7.50
CA CYS B 58 -3.88 -42.31 -8.03
C CYS B 58 -3.76 -41.64 -9.39
N PHE B 59 -2.72 -40.81 -9.54
CA PHE B 59 -2.48 -40.07 -10.78
C PHE B 59 -1.43 -40.77 -11.64
N THR B 60 -1.45 -40.46 -12.94
CA THR B 60 -0.45 -41.04 -13.82
C THR B 60 0.85 -40.23 -13.79
N ASN B 61 0.74 -38.92 -13.64
CA ASN B 61 1.93 -38.10 -13.52
C ASN B 61 1.63 -36.92 -12.62
N VAL B 62 2.61 -36.57 -11.80
CA VAL B 62 2.60 -35.31 -11.08
C VAL B 62 3.90 -34.62 -11.44
N TYR B 63 3.84 -33.37 -11.83
CA TYR B 63 5.02 -32.58 -12.10
C TYR B 63 5.12 -31.50 -11.06
N ALA B 64 6.34 -31.25 -10.60
CA ALA B 64 6.59 -30.16 -9.66
C ALA B 64 7.57 -29.20 -10.32
N ASP B 65 7.10 -28.01 -10.67
CA ASP B 65 7.93 -26.96 -11.24
C ASP B 65 8.28 -25.97 -10.13
N SER B 66 9.55 -25.55 -10.06
CA SER B 66 9.90 -24.69 -8.94
C SER B 66 10.91 -23.63 -9.36
N PHE B 67 10.83 -22.48 -8.70
CA PHE B 67 11.62 -21.31 -9.06
C PHE B 67 11.40 -20.24 -7.98
N VAL B 68 12.13 -19.13 -8.12
CA VAL B 68 12.01 -17.98 -7.22
C VAL B 68 11.60 -16.76 -8.04
N ILE B 69 10.64 -15.98 -7.52
CA ILE B 69 10.24 -14.68 -8.08
C ILE B 69 10.05 -13.69 -6.92
N ARG B 70 9.74 -12.43 -7.26
CA ARG B 70 9.35 -11.43 -6.26
C ARG B 70 7.96 -11.74 -5.69
N GLY B 71 7.74 -11.32 -4.44
CA GLY B 71 6.42 -11.47 -3.85
C GLY B 71 5.30 -10.84 -4.66
N ASP B 72 5.55 -9.66 -5.22
CA ASP B 72 4.56 -8.97 -6.03
C ASP B 72 4.25 -9.69 -7.34
N GLU B 73 5.05 -10.69 -7.71
CA GLU B 73 4.83 -11.43 -8.95
C GLU B 73 4.11 -12.75 -8.74
N VAL B 74 3.88 -13.19 -7.49
CA VAL B 74 3.26 -14.50 -7.30
C VAL B 74 1.88 -14.52 -7.96
N ARG B 75 1.18 -13.37 -7.97
CA ARG B 75 -0.13 -13.30 -8.60
C ARG B 75 -0.08 -13.64 -10.09
N GLN B 76 1.08 -13.55 -10.73
CA GLN B 76 1.21 -13.88 -12.15
C GLN B 76 1.25 -15.39 -12.40
N ILE B 77 1.49 -16.18 -11.36
CA ILE B 77 1.52 -17.63 -11.50
C ILE B 77 0.10 -18.14 -11.30
N ALA B 78 -0.75 -17.83 -12.26
CA ALA B 78 -2.15 -18.23 -12.23
C ALA B 78 -2.64 -18.27 -13.67
N PRO B 79 -3.67 -19.04 -13.96
CA PRO B 79 -4.20 -19.06 -15.34
C PRO B 79 -4.72 -17.68 -15.72
N GLY B 80 -4.47 -17.31 -16.97
CA GLY B 80 -5.06 -16.10 -17.52
C GLY B 80 -4.31 -14.84 -17.22
N GLN B 81 -3.15 -14.92 -16.59
CA GLN B 81 -2.45 -13.72 -16.18
C GLN B 81 -1.52 -13.20 -17.25
N THR B 82 -1.14 -11.93 -17.11
CA THR B 82 -0.16 -11.31 -17.99
C THR B 82 0.81 -10.50 -17.14
N GLY B 83 1.91 -10.10 -17.76
CA GLY B 83 3.02 -9.43 -17.09
C GLY B 83 4.32 -10.09 -17.45
N LYS B 84 5.42 -9.50 -16.96
CA LYS B 84 6.75 -9.96 -17.37
C LYS B 84 6.96 -11.43 -17.04
N ILE B 85 6.46 -11.89 -15.89
CA ILE B 85 6.72 -13.28 -15.50
C ILE B 85 5.84 -14.22 -16.29
N ALA B 86 4.52 -13.97 -16.30
CA ALA B 86 3.62 -14.83 -17.08
C ALA B 86 3.96 -14.81 -18.56
N ASP B 87 4.34 -13.65 -19.11
CA ASP B 87 4.54 -13.55 -20.54
C ASP B 87 5.90 -14.12 -20.99
N TYR B 88 6.96 -13.90 -20.21
CA TYR B 88 8.31 -14.17 -20.72
C TYR B 88 9.09 -15.16 -19.88
N ASN B 89 8.53 -15.69 -18.79
CA ASN B 89 9.31 -16.55 -17.90
C ASN B 89 8.66 -17.89 -17.59
N TYR B 90 7.42 -17.88 -17.07
CA TYR B 90 6.73 -19.13 -16.74
C TYR B 90 5.23 -18.91 -16.95
N LYS B 91 4.63 -19.71 -17.83
CA LYS B 91 3.25 -19.52 -18.27
C LYS B 91 2.40 -20.72 -17.92
N LEU B 92 1.36 -20.52 -17.06
CA LEU B 92 0.37 -21.57 -16.84
C LEU B 92 -0.68 -21.58 -17.95
N PRO B 93 -1.23 -22.75 -18.26
CA PRO B 93 -2.30 -22.80 -19.26
C PRO B 93 -3.59 -22.22 -18.72
N ASP B 94 -4.44 -21.77 -19.66
CA ASP B 94 -5.72 -21.16 -19.29
C ASP B 94 -6.61 -22.09 -18.45
N ASP B 95 -6.54 -23.40 -18.69
CA ASP B 95 -7.36 -24.35 -17.93
C ASP B 95 -6.50 -25.32 -17.14
N PHE B 96 -5.54 -24.77 -16.44
CA PHE B 96 -4.61 -25.50 -15.59
C PHE B 96 -5.33 -26.40 -14.59
N THR B 97 -4.77 -27.60 -14.39
CA THR B 97 -5.23 -28.51 -13.35
C THR B 97 -4.06 -28.76 -12.40
N GLY B 98 -4.14 -28.23 -11.18
CA GLY B 98 -3.06 -28.37 -10.22
C GLY B 98 -3.06 -27.24 -9.22
N CYS B 99 -1.96 -27.15 -8.45
CA CYS B 99 -1.88 -26.18 -7.36
C CYS B 99 -0.63 -25.33 -7.49
N VAL B 100 -0.76 -24.07 -7.06
CA VAL B 100 0.34 -23.11 -7.00
C VAL B 100 0.61 -22.83 -5.53
N ILE B 101 1.84 -23.08 -5.10
CA ILE B 101 2.23 -23.00 -3.69
C ILE B 101 3.43 -22.09 -3.59
N ALA B 102 3.36 -21.10 -2.68
CA ALA B 102 4.48 -20.17 -2.55
C ALA B 102 4.70 -19.79 -1.09
N TRP B 103 5.94 -19.40 -0.78
CA TRP B 103 6.28 -18.95 0.56
C TRP B 103 7.45 -17.98 0.48
N ASN B 104 7.48 -17.05 1.42
CA ASN B 104 8.54 -16.06 1.49
C ASN B 104 9.87 -16.74 1.83
N SER B 105 10.92 -16.46 1.04
CA SER B 105 12.22 -17.08 1.27
C SER B 105 13.31 -16.05 1.57
N ASN B 106 12.93 -14.88 2.11
CA ASN B 106 13.88 -13.82 2.41
C ASN B 106 15.06 -14.32 3.24
N ASN B 107 14.79 -15.19 4.21
CA ASN B 107 15.85 -15.68 5.09
C ASN B 107 16.87 -16.54 4.37
N LEU B 108 16.50 -17.12 3.23
CA LEU B 108 17.35 -18.02 2.46
C LEU B 108 17.96 -17.37 1.22
N ASP B 109 17.20 -16.53 0.52
CA ASP B 109 17.52 -16.13 -0.84
C ASP B 109 17.91 -14.66 -0.99
N SER B 110 17.84 -13.88 0.07
CA SER B 110 18.34 -12.52 0.04
C SER B 110 19.76 -12.49 0.59
N LYS B 111 20.54 -11.50 0.13
CA LYS B 111 21.91 -11.33 0.60
C LYS B 111 22.17 -9.85 0.76
N VAL B 112 23.04 -9.53 1.73
CA VAL B 112 23.53 -8.16 1.86
C VAL B 112 24.21 -7.77 0.56
N GLY B 113 23.89 -6.57 0.07
CA GLY B 113 24.37 -6.13 -1.22
C GLY B 113 23.62 -6.66 -2.42
N GLY B 114 22.71 -7.61 -2.24
CA GLY B 114 21.95 -8.15 -3.34
C GLY B 114 22.36 -9.55 -3.73
N ASN B 115 21.39 -10.45 -3.83
CA ASN B 115 21.64 -11.77 -4.38
C ASN B 115 21.51 -11.67 -5.90
N TYR B 116 22.61 -11.89 -6.61
CA TYR B 116 22.56 -11.85 -8.06
C TYR B 116 22.37 -13.22 -8.69
N ASN B 117 22.15 -14.25 -7.88
CA ASN B 117 22.04 -15.59 -8.44
C ASN B 117 20.69 -15.84 -9.09
N TYR B 118 19.64 -15.13 -8.68
CA TYR B 118 18.30 -15.38 -9.23
C TYR B 118 18.02 -14.37 -10.34
N LEU B 119 17.69 -14.87 -11.53
CA LEU B 119 17.45 -14.02 -12.69
C LEU B 119 16.04 -14.21 -13.22
N TYR B 120 15.59 -13.20 -13.97
CA TYR B 120 14.37 -13.30 -14.77
C TYR B 120 14.66 -12.73 -16.15
N ARG B 121 13.82 -13.12 -17.12
CA ARG B 121 13.94 -12.60 -18.48
C ARG B 121 13.13 -11.30 -18.57
N LEU B 122 13.81 -10.22 -18.95
CA LEU B 122 13.17 -8.92 -19.07
C LEU B 122 12.66 -8.67 -20.50
N PHE B 123 13.42 -9.11 -21.50
CA PHE B 123 13.11 -8.85 -22.91
C PHE B 123 12.85 -10.16 -23.65
N ARG B 124 11.74 -10.21 -24.40
CA ARG B 124 11.45 -11.33 -25.28
C ARG B 124 10.50 -10.84 -26.36
N LYS B 125 10.71 -11.30 -27.60
CA LYS B 125 9.90 -10.82 -28.72
C LYS B 125 8.42 -11.17 -28.54
N SER B 126 8.14 -12.38 -28.06
CA SER B 126 6.76 -12.85 -27.99
C SER B 126 6.55 -13.59 -26.68
N ASN B 127 5.28 -13.86 -26.39
CA ASN B 127 4.90 -14.57 -25.17
C ASN B 127 5.24 -16.06 -25.24
N LEU B 128 5.62 -16.63 -24.09
CA LEU B 128 5.76 -18.07 -23.96
C LEU B 128 4.42 -18.78 -24.13
N LYS B 129 4.47 -19.98 -24.71
CA LYS B 129 3.36 -20.90 -24.63
C LYS B 129 3.33 -21.53 -23.25
N PRO B 130 2.18 -22.07 -22.81
CA PRO B 130 2.12 -22.67 -21.47
C PRO B 130 3.16 -23.78 -21.30
N PHE B 131 3.85 -23.74 -20.16
CA PHE B 131 4.90 -24.68 -19.77
C PHE B 131 6.11 -24.63 -20.71
N GLU B 132 6.27 -23.54 -21.47
CA GLU B 132 7.45 -23.37 -22.30
C GLU B 132 8.59 -22.84 -21.44
N ARG B 133 9.82 -23.21 -21.81
CA ARG B 133 11.00 -22.70 -21.10
C ARG B 133 12.00 -22.14 -22.11
N ASP B 134 12.47 -20.91 -21.85
CA ASP B 134 13.43 -20.24 -22.73
C ASP B 134 14.67 -19.94 -21.88
N ILE B 135 15.77 -20.63 -22.14
CA ILE B 135 17.01 -20.37 -21.41
C ILE B 135 18.07 -19.72 -22.30
N SER B 136 17.67 -19.15 -23.44
CA SER B 136 18.64 -18.55 -24.34
C SER B 136 19.14 -17.23 -23.77
N THR B 137 20.34 -16.85 -24.22
CA THR B 137 20.95 -15.57 -23.80
C THR B 137 21.39 -14.78 -25.01
N GLU B 138 20.63 -14.86 -26.10
CA GLU B 138 20.93 -14.06 -27.28
C GLU B 138 20.73 -12.58 -26.97
N ILE B 139 21.68 -11.74 -27.41
CA ILE B 139 21.52 -10.29 -27.19
C ILE B 139 20.26 -9.82 -27.90
N TYR B 140 19.45 -9.04 -27.21
CA TYR B 140 18.11 -8.67 -27.65
C TYR B 140 18.15 -7.38 -28.45
N GLN B 141 17.70 -7.43 -29.71
CA GLN B 141 17.72 -6.28 -30.62
C GLN B 141 16.45 -5.44 -30.41
N ALA B 142 16.60 -4.28 -29.75
CA ALA B 142 15.51 -3.34 -29.53
C ALA B 142 15.48 -2.22 -30.56
N GLY B 143 16.50 -2.11 -31.41
CA GLY B 143 16.53 -1.11 -32.46
C GLY B 143 16.59 -1.76 -33.82
N SER B 144 16.87 -0.97 -34.86
CA SER B 144 16.95 -1.48 -36.22
C SER B 144 18.33 -1.98 -36.58
N THR B 145 19.33 -1.73 -35.76
CA THR B 145 20.68 -2.18 -36.05
C THR B 145 20.89 -3.57 -35.47
N PRO B 146 21.40 -4.53 -36.25
CA PRO B 146 21.70 -5.86 -35.68
C PRO B 146 22.75 -5.74 -34.58
N CYS B 147 22.64 -6.63 -33.59
CA CYS B 147 23.53 -6.59 -32.44
C CYS B 147 24.78 -7.43 -32.63
N ASN B 148 24.69 -8.51 -33.41
CA ASN B 148 25.81 -9.43 -33.65
C ASN B 148 26.44 -9.91 -32.34
N GLY B 149 25.59 -10.19 -31.35
CA GLY B 149 26.04 -10.72 -30.09
C GLY B 149 26.87 -9.78 -29.25
N VAL B 150 26.70 -8.47 -29.40
CA VAL B 150 27.46 -7.48 -28.65
C VAL B 150 26.47 -6.53 -27.98
N GLU B 151 26.59 -6.38 -26.66
CA GLU B 151 25.71 -5.47 -25.94
C GLU B 151 26.07 -4.01 -26.21
N GLY B 152 25.05 -3.17 -26.17
CA GLY B 152 25.25 -1.74 -26.35
C GLY B 152 23.90 -1.07 -26.33
N PHE B 153 23.85 0.18 -26.77
CA PHE B 153 22.57 0.86 -26.88
C PHE B 153 21.67 0.06 -27.83
N ASN B 154 20.44 -0.19 -27.39
CA ASN B 154 19.42 -0.94 -28.13
C ASN B 154 19.78 -2.39 -28.35
N CYS B 155 20.76 -2.91 -27.60
CA CYS B 155 21.25 -4.28 -27.75
C CYS B 155 21.50 -4.81 -26.34
N TYR B 156 20.52 -5.53 -25.78
CA TYR B 156 20.49 -5.82 -24.34
C TYR B 156 20.63 -7.31 -24.05
N PHE B 157 21.47 -7.61 -23.09
CA PHE B 157 21.36 -8.91 -22.45
C PHE B 157 19.93 -9.09 -21.95
N PRO B 158 19.25 -10.18 -22.30
CA PRO B 158 17.80 -10.28 -22.04
C PRO B 158 17.44 -10.64 -20.61
N LEU B 159 18.38 -11.11 -19.81
CA LEU B 159 18.11 -11.51 -18.44
C LEU B 159 18.55 -10.41 -17.48
N GLN B 160 17.99 -10.47 -16.28
CA GLN B 160 18.24 -9.46 -15.25
C GLN B 160 18.21 -10.12 -13.89
N SER B 161 19.16 -9.80 -13.05
CA SER B 161 19.15 -10.32 -11.68
C SER B 161 18.15 -9.56 -10.81
N TYR B 162 17.50 -10.30 -9.91
CA TYR B 162 16.61 -9.67 -8.93
C TYR B 162 17.38 -8.85 -7.91
N GLY B 163 18.58 -9.27 -7.55
CA GLY B 163 19.33 -8.54 -6.52
C GLY B 163 18.67 -8.49 -5.16
N PHE B 164 18.03 -9.59 -4.73
CA PHE B 164 17.30 -9.61 -3.47
C PHE B 164 18.16 -9.20 -2.28
N GLN B 165 17.66 -8.23 -1.51
CA GLN B 165 18.29 -7.68 -0.31
C GLN B 165 17.38 -7.90 0.89
N PRO B 166 17.93 -8.26 2.06
CA PRO B 166 17.05 -8.66 3.17
C PRO B 166 16.20 -7.52 3.73
N THR B 167 16.54 -6.27 3.45
CA THR B 167 15.79 -5.13 3.97
C THR B 167 14.71 -4.63 3.02
N ASN B 168 14.54 -5.26 1.85
CA ASN B 168 13.45 -4.89 0.95
C ASN B 168 12.08 -5.07 1.61
N GLY B 169 11.11 -4.30 1.13
CA GLY B 169 9.73 -4.56 1.46
C GLY B 169 9.26 -5.90 0.89
N VAL B 170 8.20 -6.42 1.49
CA VAL B 170 7.83 -7.81 1.25
C VAL B 170 7.48 -8.05 -0.23
N GLY B 171 6.90 -7.04 -0.91
CA GLY B 171 6.64 -7.19 -2.33
C GLY B 171 7.89 -7.35 -3.18
N TYR B 172 9.04 -6.92 -2.66
CA TYR B 172 10.33 -7.03 -3.33
C TYR B 172 11.16 -8.19 -2.80
N GLN B 173 10.64 -8.93 -1.84
CA GLN B 173 11.38 -10.04 -1.25
C GLN B 173 11.22 -11.28 -2.11
N PRO B 174 12.16 -12.23 -2.03
CA PRO B 174 12.04 -13.45 -2.83
C PRO B 174 11.00 -14.39 -2.24
N TYR B 175 10.26 -15.05 -3.14
CA TYR B 175 9.30 -16.09 -2.78
C TYR B 175 9.66 -17.35 -3.55
N ARG B 176 9.74 -18.47 -2.85
CA ARG B 176 9.86 -19.76 -3.51
C ARG B 176 8.49 -20.25 -3.92
N VAL B 177 8.41 -20.77 -5.15
CA VAL B 177 7.15 -21.21 -5.75
C VAL B 177 7.29 -22.66 -6.19
N VAL B 178 6.27 -23.46 -5.93
CA VAL B 178 6.19 -24.83 -6.46
C VAL B 178 4.84 -24.94 -7.13
N VAL B 179 4.83 -25.32 -8.41
CA VAL B 179 3.60 -25.54 -9.17
C VAL B 179 3.46 -27.04 -9.35
N LEU B 180 2.39 -27.60 -8.79
CA LEU B 180 2.11 -29.03 -8.91
C LEU B 180 1.05 -29.22 -9.97
N SER B 181 1.39 -29.97 -11.04
CA SER B 181 0.45 -30.31 -12.11
C SER B 181 0.03 -31.75 -11.90
N PHE B 182 -1.26 -32.01 -12.04
CA PHE B 182 -1.79 -33.36 -11.83
C PHE B 182 -2.42 -33.84 -13.11
N GLU B 183 -2.00 -35.03 -13.59
CA GLU B 183 -2.54 -35.60 -14.81
C GLU B 183 -3.03 -37.01 -14.54
N LEU B 184 -4.09 -37.39 -15.24
CA LEU B 184 -4.57 -38.77 -15.26
C LEU B 184 -4.87 -39.11 -16.71
N LEU B 185 -4.06 -39.97 -17.30
CA LEU B 185 -4.20 -40.39 -18.68
C LEU B 185 -4.46 -41.90 -18.72
N HIS B 186 -4.59 -42.44 -19.94
CA HIS B 186 -4.70 -43.89 -20.13
C HIS B 186 -3.30 -44.47 -20.09
N ALA B 187 -2.81 -44.66 -18.87
CA ALA B 187 -1.44 -45.04 -18.60
C ALA B 187 -1.39 -45.58 -17.18
N PRO B 188 -0.27 -46.16 -16.75
CA PRO B 188 -0.15 -46.56 -15.34
C PRO B 188 -0.33 -45.38 -14.39
N ALA B 189 -1.10 -45.60 -13.33
CA ALA B 189 -1.41 -44.57 -12.34
C ALA B 189 -0.65 -44.91 -11.06
N THR B 190 0.55 -44.33 -10.92
CA THR B 190 1.50 -44.80 -9.90
C THR B 190 1.73 -43.78 -8.79
N VAL B 191 1.09 -42.62 -8.83
CA VAL B 191 1.25 -41.59 -7.81
C VAL B 191 -0.02 -41.59 -6.98
N CYS B 192 0.07 -42.16 -5.78
CA CYS B 192 -1.11 -42.52 -5.00
C CYS B 192 -1.11 -41.78 -3.67
N GLY B 193 -2.27 -41.78 -3.03
CA GLY B 193 -2.41 -41.26 -1.69
C GLY B 193 -2.07 -42.32 -0.68
N PRO B 194 -2.30 -42.04 0.62
CA PRO B 194 -2.01 -42.95 1.73
C PRO B 194 -2.71 -44.31 1.63
N GLU C 1 -26.97 -9.33 29.78
CA GLU C 1 -26.36 -8.11 30.27
C GLU C 1 -26.05 -7.15 29.11
N VAL C 2 -24.94 -7.37 28.43
CA VAL C 2 -24.49 -6.53 27.32
C VAL C 2 -24.84 -7.24 26.02
N GLN C 3 -25.60 -6.56 25.15
CA GLN C 3 -25.94 -7.18 23.87
C GLN C 3 -26.26 -6.11 22.83
N LEU C 4 -26.06 -6.51 21.57
CA LEU C 4 -26.42 -5.72 20.41
C LEU C 4 -27.40 -6.56 19.59
N VAL C 5 -28.56 -6.00 19.26
CA VAL C 5 -29.64 -6.75 18.61
C VAL C 5 -29.99 -6.07 17.29
N GLU C 6 -29.60 -6.70 16.18
CA GLU C 6 -29.86 -6.17 14.85
C GLU C 6 -31.21 -6.59 14.35
N SER C 7 -31.81 -5.74 13.52
CA SER C 7 -33.05 -6.08 12.83
C SER C 7 -33.14 -5.23 11.58
N GLY C 8 -34.16 -5.51 10.77
CA GLY C 8 -34.39 -4.74 9.56
C GLY C 8 -33.90 -5.38 8.29
N GLY C 9 -33.27 -6.54 8.36
CA GLY C 9 -32.88 -7.23 7.15
C GLY C 9 -34.09 -7.76 6.37
N GLY C 10 -33.81 -8.26 5.18
CA GLY C 10 -34.87 -8.85 4.38
C GLY C 10 -34.35 -9.26 3.02
N LEU C 11 -35.28 -9.63 2.16
CA LEU C 11 -34.98 -10.00 0.78
C LEU C 11 -35.58 -8.95 -0.14
N ILE C 12 -34.77 -8.40 -1.04
CA ILE C 12 -35.16 -7.27 -1.86
C ILE C 12 -34.57 -7.43 -3.26
N GLN C 13 -35.16 -6.72 -4.24
CA GLN C 13 -34.54 -6.70 -5.56
C GLN C 13 -33.50 -5.59 -5.65
N PRO C 14 -32.57 -5.68 -6.59
CA PRO C 14 -31.55 -4.61 -6.71
C PRO C 14 -32.20 -3.26 -6.98
N GLY C 15 -31.59 -2.22 -6.43
CA GLY C 15 -32.10 -0.87 -6.54
C GLY C 15 -32.94 -0.43 -5.36
N GLY C 16 -33.33 -1.36 -4.49
CA GLY C 16 -34.18 -1.03 -3.36
C GLY C 16 -33.39 -0.48 -2.18
N SER C 17 -34.13 -0.12 -1.14
CA SER C 17 -33.57 0.45 0.07
C SER C 17 -33.99 -0.34 1.30
N LEU C 18 -33.09 -0.42 2.27
CA LEU C 18 -33.37 -0.99 3.57
C LEU C 18 -32.77 -0.09 4.63
N ARG C 19 -33.23 -0.25 5.88
CA ARG C 19 -32.56 0.37 7.02
C ARG C 19 -32.41 -0.67 8.12
N LEU C 20 -31.18 -0.96 8.49
CA LEU C 20 -30.88 -1.85 9.60
C LEU C 20 -30.85 -1.06 10.89
N SER C 21 -31.30 -1.71 11.96
CA SER C 21 -31.29 -1.15 13.30
C SER C 21 -30.44 -2.06 14.18
N CYS C 22 -29.80 -1.48 15.19
CA CYS C 22 -29.01 -2.24 16.16
C CYS C 22 -29.30 -1.64 17.53
N ALA C 23 -30.12 -2.32 18.32
CA ALA C 23 -30.50 -1.84 19.65
C ALA C 23 -29.48 -2.33 20.67
N ALA C 24 -28.85 -1.40 21.38
CA ALA C 24 -27.80 -1.75 22.33
C ALA C 24 -28.33 -1.76 23.77
N SER C 25 -27.75 -2.62 24.58
CA SER C 25 -27.93 -2.56 26.02
C SER C 25 -26.63 -2.98 26.68
N GLY C 26 -26.29 -2.34 27.81
CA GLY C 26 -25.04 -2.61 28.48
C GLY C 26 -23.85 -1.85 27.93
N LEU C 27 -24.06 -1.02 26.91
CA LEU C 27 -23.09 -0.04 26.44
C LEU C 27 -23.88 1.07 25.76
N ILE C 28 -23.29 2.26 25.66
CA ILE C 28 -23.99 3.41 25.10
C ILE C 28 -23.43 3.69 23.71
N VAL C 29 -24.30 3.58 22.70
CA VAL C 29 -23.91 3.73 21.30
C VAL C 29 -23.16 5.04 21.09
N SER C 30 -23.71 6.14 21.62
CA SER C 30 -23.14 7.45 21.35
C SER C 30 -21.79 7.68 22.00
N ARG C 31 -21.36 6.78 22.88
CA ARG C 31 -20.07 6.92 23.55
C ARG C 31 -19.01 5.99 22.95
N ASN C 32 -19.35 5.24 21.91
CA ASN C 32 -18.46 4.19 21.40
C ASN C 32 -18.20 4.33 19.91
N TYR C 33 -17.07 3.77 19.48
CA TYR C 33 -16.80 3.49 18.08
C TYR C 33 -17.73 2.35 17.70
N MET C 34 -18.81 2.66 17.00
CA MET C 34 -19.79 1.65 16.59
C MET C 34 -19.68 1.37 15.09
N ASN C 35 -19.70 0.08 14.74
CA ASN C 35 -19.35 -0.37 13.40
C ASN C 35 -20.43 -1.28 12.82
N TRP C 36 -20.47 -1.35 11.50
CA TRP C 36 -21.12 -2.44 10.78
C TRP C 36 -20.07 -3.25 10.05
N VAL C 37 -20.20 -4.58 10.17
CA VAL C 37 -19.33 -5.56 9.52
C VAL C 37 -20.26 -6.54 8.80
N ARG C 38 -19.88 -6.95 7.59
CA ARG C 38 -20.76 -7.87 6.87
C ARG C 38 -20.00 -9.10 6.39
N GLN C 39 -20.78 -10.14 6.10
CA GLN C 39 -20.25 -11.45 5.73
C GLN C 39 -21.15 -12.06 4.67
N ALA C 40 -20.68 -12.08 3.42
CA ALA C 40 -21.45 -12.70 2.35
C ALA C 40 -21.49 -14.21 2.56
N PRO C 41 -22.51 -14.89 2.04
CA PRO C 41 -22.64 -16.33 2.28
C PRO C 41 -21.39 -17.09 1.84
N GLY C 42 -20.84 -17.87 2.77
CA GLY C 42 -19.65 -18.67 2.50
C GLY C 42 -18.36 -17.89 2.41
N LYS C 43 -18.36 -16.60 2.71
CA LYS C 43 -17.19 -15.75 2.51
C LYS C 43 -16.73 -15.19 3.86
N GLY C 44 -15.76 -14.30 3.80
CA GLY C 44 -15.15 -13.72 4.98
C GLY C 44 -15.82 -12.46 5.46
N LEU C 45 -15.12 -11.72 6.31
CA LEU C 45 -15.65 -10.55 6.99
C LEU C 45 -15.16 -9.28 6.31
N GLU C 46 -16.06 -8.31 6.15
CA GLU C 46 -15.74 -7.05 5.51
C GLU C 46 -16.26 -5.91 6.37
N TRP C 47 -15.36 -5.02 6.78
CA TRP C 47 -15.77 -3.81 7.50
C TRP C 47 -16.53 -2.89 6.57
N VAL C 48 -17.63 -2.32 7.06
CA VAL C 48 -18.55 -1.53 6.24
C VAL C 48 -18.51 -0.04 6.63
N SER C 49 -18.67 0.26 7.92
CA SER C 49 -18.83 1.66 8.31
C SER C 49 -18.55 1.80 9.79
N VAL C 50 -18.14 3.01 10.22
CA VAL C 50 -18.01 3.32 11.64
C VAL C 50 -18.60 4.70 11.92
N LEU C 51 -19.16 4.84 13.12
CA LEU C 51 -19.64 6.10 13.66
C LEU C 51 -18.89 6.36 14.96
N TYR C 52 -18.10 7.45 14.99
CA TYR C 52 -17.37 7.83 16.19
C TYR C 52 -18.33 8.42 17.24
N SER C 53 -17.89 8.36 18.50
CA SER C 53 -18.67 9.01 19.56
C SER C 53 -18.86 10.50 19.27
N GLY C 54 -17.82 11.17 18.75
CA GLY C 54 -17.94 12.58 18.42
C GLY C 54 -18.67 12.90 17.14
N GLY C 55 -19.07 11.87 16.38
CA GLY C 55 -19.93 12.04 15.22
C GLY C 55 -19.29 11.80 13.87
N SER C 56 -17.96 11.65 13.79
CA SER C 56 -17.34 11.40 12.49
C SER C 56 -17.78 10.04 11.95
N THR C 57 -17.94 9.96 10.63
CA THR C 57 -18.29 8.72 9.96
C THR C 57 -17.28 8.38 8.88
N PHE C 58 -17.05 7.07 8.69
CA PHE C 58 -16.21 6.57 7.62
C PHE C 58 -16.87 5.33 7.02
N TYR C 59 -16.54 5.05 5.75
CA TYR C 59 -17.20 3.99 4.98
C TYR C 59 -16.21 3.23 4.12
N ALA C 60 -16.49 1.93 3.94
CA ALA C 60 -15.79 1.17 2.91
C ALA C 60 -16.06 1.78 1.55
N ASP C 61 -15.05 1.71 0.66
CA ASP C 61 -15.20 2.31 -0.66
C ASP C 61 -16.39 1.73 -1.41
N SER C 62 -16.70 0.45 -1.20
CA SER C 62 -17.74 -0.23 -1.96
C SER C 62 -19.15 0.23 -1.58
N VAL C 63 -19.33 0.93 -0.46
CA VAL C 63 -20.65 1.41 -0.05
C VAL C 63 -20.75 2.92 -0.01
N LYS C 64 -19.65 3.63 -0.29
CA LYS C 64 -19.66 5.08 -0.24
C LYS C 64 -20.70 5.66 -1.20
N GLY C 65 -21.44 6.65 -0.71
CA GLY C 65 -22.49 7.28 -1.48
C GLY C 65 -23.80 6.52 -1.52
N ARG C 66 -23.84 5.33 -0.95
CA ARG C 66 -25.05 4.52 -0.90
C ARG C 66 -25.52 4.22 0.52
N PHE C 67 -24.60 3.95 1.44
CA PHE C 67 -24.95 3.61 2.82
C PHE C 67 -24.66 4.80 3.73
N THR C 68 -25.47 4.95 4.78
CA THR C 68 -25.28 6.02 5.76
C THR C 68 -25.43 5.44 7.16
N ILE C 69 -24.43 5.68 8.03
CA ILE C 69 -24.50 5.22 9.41
C ILE C 69 -24.98 6.37 10.28
N SER C 70 -25.77 6.06 11.31
CA SER C 70 -26.35 7.08 12.18
C SER C 70 -26.76 6.43 13.49
N ARG C 71 -27.24 7.24 14.42
CA ARG C 71 -27.64 6.72 15.71
C ARG C 71 -28.74 7.60 16.30
N ASP C 72 -29.47 7.01 17.23
CA ASP C 72 -30.50 7.72 18.01
C ASP C 72 -30.13 7.52 19.49
N ASN C 73 -29.56 8.56 20.10
CA ASN C 73 -29.08 8.42 21.47
C ASN C 73 -30.22 8.08 22.43
N SER C 74 -31.39 8.70 22.24
CA SER C 74 -32.51 8.46 23.13
C SER C 74 -33.02 7.03 23.06
N LYS C 75 -32.83 6.36 21.93
CA LYS C 75 -33.18 4.96 21.79
C LYS C 75 -31.99 4.03 21.93
N ASN C 76 -30.80 4.57 22.17
CA ASN C 76 -29.55 3.81 22.24
C ASN C 76 -29.44 2.81 21.09
N THR C 77 -29.66 3.30 19.88
CA THR C 77 -29.76 2.46 18.70
C THR C 77 -28.87 3.02 17.60
N LEU C 78 -28.21 2.12 16.87
CA LEU C 78 -27.39 2.42 15.71
C LEU C 78 -28.13 1.98 14.45
N TYR C 79 -28.01 2.77 13.38
CA TYR C 79 -28.68 2.49 12.12
C TYR C 79 -27.70 2.38 10.96
N LEU C 80 -28.10 1.64 9.93
CA LEU C 80 -27.43 1.61 8.64
C LEU C 80 -28.50 1.79 7.58
N GLN C 81 -28.57 2.98 7.00
CA GLN C 81 -29.44 3.20 5.83
C GLN C 81 -28.74 2.68 4.58
N MET C 82 -29.42 1.80 3.85
CA MET C 82 -28.84 1.11 2.71
C MET C 82 -29.65 1.45 1.47
N ASN C 83 -29.10 2.29 0.60
CA ASN C 83 -29.78 2.70 -0.63
C ASN C 83 -29.10 2.08 -1.86
N SER C 84 -29.84 2.07 -2.97
CA SER C 84 -29.33 1.58 -4.26
C SER C 84 -28.65 0.23 -4.10
N LEU C 85 -29.37 -0.70 -3.48
CA LEU C 85 -28.78 -1.98 -3.08
C LEU C 85 -28.42 -2.80 -4.32
N ARG C 86 -27.34 -3.58 -4.18
CA ARG C 86 -26.81 -4.36 -5.29
C ARG C 86 -26.66 -5.81 -4.85
N ALA C 87 -26.64 -6.71 -5.83
CA ALA C 87 -26.52 -8.13 -5.53
C ALA C 87 -25.33 -8.41 -4.62
N GLU C 88 -24.21 -7.73 -4.87
CA GLU C 88 -23.02 -7.96 -4.06
C GLU C 88 -23.15 -7.44 -2.64
N ASP C 89 -24.24 -6.76 -2.29
CA ASP C 89 -24.47 -6.36 -0.90
C ASP C 89 -25.09 -7.49 -0.07
N THR C 90 -25.41 -8.62 -0.70
CA THR C 90 -25.98 -9.76 0.01
C THR C 90 -25.00 -10.26 1.06
N ALA C 91 -25.44 -10.29 2.32
CA ALA C 91 -24.55 -10.62 3.43
C ALA C 91 -25.37 -10.65 4.72
N VAL C 92 -24.80 -11.28 5.74
CA VAL C 92 -25.24 -11.02 7.11
C VAL C 92 -24.52 -9.77 7.60
N TYR C 93 -25.27 -8.85 8.20
CA TYR C 93 -24.72 -7.59 8.69
C TYR C 93 -24.67 -7.63 10.20
N PHE C 94 -23.48 -7.44 10.76
CA PHE C 94 -23.24 -7.41 12.20
C PHE C 94 -23.00 -5.98 12.68
N CYS C 95 -23.62 -5.65 13.79
CA CYS C 95 -23.33 -4.45 14.57
C CYS C 95 -22.25 -4.80 15.58
N VAL C 96 -21.22 -3.95 15.72
CA VAL C 96 -20.05 -4.28 16.53
C VAL C 96 -19.53 -3.04 17.24
N ARG C 97 -19.14 -3.20 18.50
CA ARG C 97 -18.43 -2.16 19.24
C ARG C 97 -16.93 -2.40 19.15
N ASP C 98 -16.18 -1.33 18.92
CA ASP C 98 -14.73 -1.37 18.73
C ASP C 98 -14.04 -0.66 19.88
N LEU C 99 -13.09 -1.35 20.52
CA LEU C 99 -12.23 -0.75 21.53
C LEU C 99 -10.81 -0.49 21.03
N ASP C 100 -10.52 -0.82 19.77
CA ASP C 100 -9.24 -0.48 19.12
C ASP C 100 -8.12 -1.10 19.96
N VAL C 101 -7.04 -0.38 20.29
CA VAL C 101 -5.94 -1.03 21.01
C VAL C 101 -6.32 -1.43 22.44
N LYS C 102 -7.47 -0.98 22.95
CA LYS C 102 -7.91 -1.37 24.28
C LYS C 102 -8.85 -2.58 24.25
N GLY C 103 -9.09 -3.17 23.08
CA GLY C 103 -9.86 -4.41 23.06
C GLY C 103 -10.49 -4.86 21.75
N ALA C 104 -10.23 -4.19 20.63
CA ALA C 104 -10.66 -4.60 19.27
C ALA C 104 -12.19 -4.74 19.21
N PHE C 105 -12.70 -5.65 18.38
CA PHE C 105 -14.16 -5.83 18.18
C PHE C 105 -14.69 -6.78 19.25
N ASP C 106 -15.00 -6.27 20.43
CA ASP C 106 -15.27 -7.16 21.53
C ASP C 106 -16.73 -7.58 21.65
N ILE C 107 -17.68 -6.72 21.26
CA ILE C 107 -19.11 -7.03 21.34
C ILE C 107 -19.67 -7.08 19.93
N TRP C 108 -20.30 -8.19 19.56
CA TRP C 108 -20.95 -8.36 18.27
C TRP C 108 -22.43 -8.69 18.48
N GLY C 109 -23.27 -8.18 17.59
CA GLY C 109 -24.65 -8.64 17.55
C GLY C 109 -24.70 -10.02 16.92
N GLN C 110 -25.91 -10.54 16.81
CA GLN C 110 -26.14 -11.84 16.19
C GLN C 110 -26.23 -11.75 14.67
N GLY C 111 -26.43 -10.56 14.12
CA GLY C 111 -26.45 -10.38 12.69
C GLY C 111 -27.87 -10.39 12.13
N THR C 112 -28.04 -9.69 11.01
CA THR C 112 -29.32 -9.73 10.29
C THR C 112 -29.03 -9.92 8.82
N MET C 113 -29.74 -10.85 8.19
CA MET C 113 -29.46 -11.20 6.80
C MET C 113 -30.12 -10.21 5.84
N VAL C 114 -29.34 -9.74 4.86
CA VAL C 114 -29.82 -8.95 3.74
C VAL C 114 -29.54 -9.73 2.46
N SER C 115 -30.58 -10.03 1.69
CA SER C 115 -30.45 -10.74 0.41
C SER C 115 -30.96 -9.85 -0.72
N VAL C 116 -30.08 -9.53 -1.66
CA VAL C 116 -30.42 -8.71 -2.81
C VAL C 116 -30.37 -9.60 -4.04
N SER C 117 -31.53 -9.90 -4.60
CA SER C 117 -31.63 -10.73 -5.80
C SER C 117 -33.05 -10.75 -6.34
N SER C 138 -4.82 1.29 -1.32
CA SER C 138 -6.16 0.75 -1.17
C SER C 138 -6.31 0.15 0.23
N GLU C 139 -5.80 -1.06 0.45
CA GLU C 139 -5.98 -1.68 1.76
C GLU C 139 -4.90 -2.72 2.01
N ILE C 140 -4.64 -2.94 3.30
CA ILE C 140 -3.76 -4.02 3.73
C ILE C 140 -4.46 -5.36 3.56
N VAL C 141 -3.85 -6.25 2.76
CA VAL C 141 -4.38 -7.58 2.54
C VAL C 141 -3.73 -8.52 3.54
N LEU C 142 -4.56 -9.24 4.30
CA LEU C 142 -4.10 -10.21 5.28
C LEU C 142 -4.27 -11.59 4.68
N THR C 143 -3.20 -12.38 4.64
CA THR C 143 -3.26 -13.72 4.10
C THR C 143 -3.05 -14.71 5.23
N GLN C 144 -4.05 -15.57 5.45
CA GLN C 144 -3.98 -16.60 6.47
C GLN C 144 -3.53 -17.92 5.86
N SER C 145 -2.69 -18.63 6.60
CA SER C 145 -2.29 -19.98 6.26
C SER C 145 -2.39 -20.88 7.47
N PRO C 146 -2.87 -22.12 7.32
CA PRO C 146 -3.40 -22.67 6.07
C PRO C 146 -4.84 -22.21 5.85
N GLY C 147 -5.37 -22.38 4.64
CA GLY C 147 -6.80 -22.12 4.44
C GLY C 147 -7.66 -23.18 5.12
N THR C 148 -7.21 -24.43 5.09
CA THR C 148 -7.89 -25.54 5.74
C THR C 148 -6.87 -26.26 6.60
N LEU C 149 -7.25 -26.55 7.84
CA LEU C 149 -6.36 -27.21 8.80
C LEU C 149 -7.13 -28.40 9.38
N SER C 150 -6.67 -29.62 9.07
CA SER C 150 -7.31 -30.85 9.52
C SER C 150 -6.44 -31.48 10.60
N LEU C 151 -6.95 -31.51 11.83
CA LEU C 151 -6.20 -32.02 12.98
C LEU C 151 -7.14 -32.78 13.90
N SER C 152 -6.55 -33.54 14.82
CA SER C 152 -7.29 -34.31 15.81
C SER C 152 -7.33 -33.58 17.15
N PRO C 153 -8.35 -33.84 17.96
CA PRO C 153 -8.34 -33.30 19.33
C PRO C 153 -7.07 -33.69 20.07
N GLY C 154 -6.54 -32.76 20.87
CA GLY C 154 -5.32 -32.97 21.62
C GLY C 154 -4.06 -32.49 20.93
N GLU C 155 -4.11 -32.29 19.62
CA GLU C 155 -2.98 -31.75 18.87
C GLU C 155 -2.88 -30.24 19.05
N ARG C 156 -1.68 -29.73 18.79
CA ARG C 156 -1.43 -28.29 18.77
C ARG C 156 -1.71 -27.76 17.38
N ALA C 157 -2.44 -26.64 17.31
CA ALA C 157 -2.76 -25.99 16.05
C ALA C 157 -2.01 -24.67 15.95
N THR C 158 -1.44 -24.40 14.78
CA THR C 158 -0.73 -23.15 14.51
C THR C 158 -1.34 -22.52 13.27
N LEU C 159 -1.82 -21.29 13.41
CA LEU C 159 -2.41 -20.55 12.31
C LEU C 159 -1.60 -19.27 12.12
N SER C 160 -1.31 -18.93 10.86
CA SER C 160 -0.49 -17.77 10.57
C SER C 160 -1.27 -16.72 9.80
N CYS C 161 -0.90 -15.47 10.01
CA CYS C 161 -1.49 -14.32 9.35
C CYS C 161 -0.36 -13.41 8.92
N ARG C 162 -0.28 -13.09 7.63
CA ARG C 162 0.78 -12.24 7.10
C ARG C 162 0.17 -11.09 6.32
N ALA C 163 0.65 -9.88 6.58
CA ALA C 163 0.08 -8.67 6.02
C ALA C 163 0.88 -8.24 4.80
N SER C 164 0.17 -7.60 3.86
CA SER C 164 0.81 -7.12 2.64
C SER C 164 1.75 -5.95 2.89
N GLN C 165 1.58 -5.23 4.00
CA GLN C 165 2.53 -4.23 4.46
C GLN C 165 2.71 -4.40 5.97
N SER C 166 3.77 -3.81 6.51
CA SER C 166 4.01 -3.95 7.95
C SER C 166 2.88 -3.31 8.77
N VAL C 167 2.45 -4.02 9.81
CA VAL C 167 1.44 -3.53 10.74
C VAL C 167 1.99 -3.72 12.15
N SER C 168 2.02 -2.64 12.93
CA SER C 168 2.48 -2.71 14.30
C SER C 168 1.63 -3.69 15.12
N SER C 169 2.27 -4.33 16.10
CA SER C 169 1.62 -5.44 16.80
C SER C 169 0.41 -4.98 17.61
N SER C 170 0.38 -3.72 18.04
CA SER C 170 -0.76 -3.23 18.82
C SER C 170 -2.07 -3.35 18.07
N TYR C 171 -2.04 -3.58 16.75
CA TYR C 171 -3.22 -3.43 15.90
C TYR C 171 -3.65 -4.74 15.25
N LEU C 172 -3.37 -5.88 15.88
CA LEU C 172 -3.64 -7.20 15.33
C LEU C 172 -4.55 -7.99 16.26
N ALA C 173 -5.55 -8.68 15.70
CA ALA C 173 -6.46 -9.46 16.52
C ALA C 173 -6.82 -10.77 15.83
N TRP C 174 -7.29 -11.74 16.63
CA TRP C 174 -7.80 -13.01 16.15
C TRP C 174 -9.23 -13.23 16.63
N TYR C 175 -10.05 -13.88 15.77
CA TYR C 175 -11.44 -14.16 16.06
C TYR C 175 -11.75 -15.61 15.75
N GLN C 176 -12.72 -16.15 16.46
CA GLN C 176 -13.25 -17.49 16.23
C GLN C 176 -14.70 -17.36 15.81
N GLN C 177 -15.11 -18.15 14.81
CA GLN C 177 -16.51 -18.13 14.36
C GLN C 177 -17.02 -19.55 14.19
N LYS C 178 -18.04 -19.88 14.91
CA LYS C 178 -18.74 -21.15 14.86
C LYS C 178 -19.95 -21.05 13.95
N PRO C 179 -20.44 -22.17 13.43
CA PRO C 179 -21.53 -22.12 12.45
C PRO C 179 -22.76 -21.41 12.99
N GLY C 180 -23.30 -20.48 12.20
CA GLY C 180 -24.51 -19.78 12.57
C GLY C 180 -24.35 -18.69 13.60
N GLN C 181 -23.13 -18.43 14.08
CA GLN C 181 -22.89 -17.43 15.11
C GLN C 181 -22.02 -16.30 14.60
N ALA C 182 -22.04 -15.20 15.36
CA ALA C 182 -21.12 -14.10 15.12
C ALA C 182 -19.69 -14.51 15.51
N PRO C 183 -18.70 -13.85 14.91
CA PRO C 183 -17.33 -14.01 15.39
C PRO C 183 -17.21 -13.64 16.86
N ARG C 184 -16.20 -14.22 17.51
CA ARG C 184 -15.90 -13.96 18.92
C ARG C 184 -14.44 -13.59 19.04
N LEU C 185 -14.16 -12.46 19.69
CA LEU C 185 -12.78 -12.03 19.90
C LEU C 185 -12.02 -13.03 20.76
N LEU C 186 -10.82 -13.41 20.30
CA LEU C 186 -9.90 -14.25 21.05
C LEU C 186 -8.71 -13.50 21.62
N ILE C 187 -8.06 -12.71 20.77
CA ILE C 187 -6.77 -12.08 21.05
C ILE C 187 -6.79 -10.70 20.42
N TYR C 188 -6.32 -9.69 21.14
CA TYR C 188 -6.12 -8.37 20.54
C TYR C 188 -4.73 -7.87 20.88
N GLY C 189 -4.29 -6.84 20.17
CA GLY C 189 -2.92 -6.36 20.42
C GLY C 189 -1.88 -7.45 20.21
N ALA C 190 -2.13 -8.35 19.26
CA ALA C 190 -1.28 -9.48 18.89
C ALA C 190 -1.23 -10.58 19.94
N SER C 191 -1.13 -10.23 21.23
CA SER C 191 -0.88 -11.26 22.25
C SER C 191 -1.74 -11.15 23.50
N SER C 192 -2.66 -10.19 23.58
CA SER C 192 -3.48 -10.00 24.77
C SER C 192 -4.73 -10.86 24.63
N ARG C 193 -4.92 -11.78 25.56
CA ARG C 193 -6.08 -12.64 25.55
C ARG C 193 -7.33 -11.89 26.01
N ALA C 194 -8.42 -12.03 25.28
CA ALA C 194 -9.67 -11.39 25.66
C ALA C 194 -10.24 -12.07 26.90
N THR C 195 -11.11 -11.33 27.60
CA THR C 195 -11.69 -11.83 28.85
C THR C 195 -12.51 -13.08 28.59
N GLY C 196 -12.33 -14.08 29.45
CA GLY C 196 -13.07 -15.32 29.35
C GLY C 196 -12.56 -16.31 28.31
N ILE C 197 -11.50 -15.98 27.59
CA ILE C 197 -10.95 -16.89 26.58
C ILE C 197 -10.00 -17.87 27.27
N PRO C 198 -10.09 -19.17 26.97
CA PRO C 198 -9.21 -20.15 27.65
C PRO C 198 -7.74 -19.90 27.34
N ASP C 199 -6.87 -20.15 28.33
CA ASP C 199 -5.47 -19.83 28.09
C ASP C 199 -4.78 -20.79 27.12
N ARG C 200 -5.46 -21.82 26.60
CA ARG C 200 -4.84 -22.60 25.53
C ARG C 200 -4.70 -21.81 24.24
N PHE C 201 -5.40 -20.68 24.11
CA PHE C 201 -5.27 -19.77 22.98
C PHE C 201 -4.20 -18.75 23.30
N SER C 202 -3.23 -18.58 22.40
CA SER C 202 -2.22 -17.54 22.59
C SER C 202 -1.86 -16.95 21.24
N GLY C 203 -1.48 -15.68 21.25
CA GLY C 203 -1.10 -14.97 20.05
C GLY C 203 0.34 -14.51 20.15
N SER C 204 1.01 -14.46 19.00
CA SER C 204 2.40 -14.04 18.95
C SER C 204 2.68 -13.38 17.62
N VAL C 205 3.65 -12.47 17.60
CA VAL C 205 4.11 -11.85 16.39
C VAL C 205 5.64 -11.94 16.35
N SER C 206 6.16 -12.50 15.26
CA SER C 206 7.59 -12.66 15.07
C SER C 206 7.88 -12.17 13.66
N GLY C 207 8.47 -10.98 13.56
CA GLY C 207 8.74 -10.36 12.29
C GLY C 207 7.53 -10.31 11.39
N THR C 208 7.62 -10.98 10.24
CA THR C 208 6.59 -10.87 9.21
C THR C 208 5.24 -11.37 9.69
N ASP C 209 5.20 -12.45 10.47
CA ASP C 209 3.95 -13.17 10.62
C ASP C 209 3.41 -13.14 12.04
N PHE C 210 2.09 -13.25 12.10
CA PHE C 210 1.26 -13.12 13.28
C PHE C 210 0.62 -14.49 13.46
N THR C 211 0.82 -15.14 14.60
CA THR C 211 0.34 -16.51 14.77
C THR C 211 -0.67 -16.63 15.90
N LEU C 212 -1.62 -17.54 15.70
CA LEU C 212 -2.52 -17.99 16.76
C LEU C 212 -2.17 -19.43 17.05
N THR C 213 -1.96 -19.76 18.32
CA THR C 213 -1.63 -21.12 18.73
C THR C 213 -2.75 -21.63 19.63
N ILE C 214 -3.25 -22.82 19.35
CA ILE C 214 -4.10 -23.54 20.29
C ILE C 214 -3.27 -24.68 20.81
N SER C 215 -2.85 -24.60 22.07
CA SER C 215 -1.81 -25.49 22.59
C SER C 215 -2.24 -26.94 22.57
N ARG C 216 -3.53 -27.20 22.80
CA ARG C 216 -4.07 -28.57 22.78
C ARG C 216 -5.53 -28.44 22.38
N LEU C 217 -5.88 -28.97 21.21
CA LEU C 217 -7.22 -28.77 20.67
C LEU C 217 -8.26 -29.50 21.50
N GLU C 218 -9.36 -28.80 21.80
CA GLU C 218 -10.57 -29.42 22.34
C GLU C 218 -11.59 -29.60 21.22
N PRO C 219 -12.56 -30.50 21.39
CA PRO C 219 -13.59 -30.67 20.34
C PRO C 219 -14.32 -29.39 20.00
N GLU C 220 -14.54 -28.50 20.97
CA GLU C 220 -15.26 -27.26 20.71
C GLU C 220 -14.45 -26.25 19.91
N ASP C 221 -13.15 -26.47 19.74
CA ASP C 221 -12.30 -25.52 19.04
C ASP C 221 -12.40 -25.61 17.53
N PHE C 222 -13.08 -26.60 16.97
CA PHE C 222 -13.12 -26.69 15.52
C PHE C 222 -14.13 -25.66 15.02
N ALA C 223 -13.66 -24.74 14.19
CA ALA C 223 -14.38 -23.52 13.84
C ALA C 223 -13.62 -22.83 12.72
N VAL C 224 -14.09 -21.66 12.31
CA VAL C 224 -13.35 -20.82 11.38
C VAL C 224 -12.69 -19.70 12.17
N TYR C 225 -11.43 -19.42 11.86
CA TYR C 225 -10.64 -18.42 12.56
C TYR C 225 -10.23 -17.31 11.61
N TYR C 226 -10.35 -16.07 12.08
CA TYR C 226 -10.03 -14.89 11.27
C TYR C 226 -9.02 -14.03 11.99
N CYS C 227 -8.02 -13.55 11.26
CA CYS C 227 -7.20 -12.45 11.78
C CYS C 227 -7.74 -11.11 11.29
N GLN C 228 -7.29 -10.05 11.95
CA GLN C 228 -7.79 -8.71 11.67
C GLN C 228 -6.68 -7.73 11.95
N GLN C 229 -6.56 -6.71 11.10
CA GLN C 229 -5.74 -5.56 11.43
C GLN C 229 -6.64 -4.35 11.57
N TYR C 230 -6.37 -3.51 12.58
CA TYR C 230 -7.15 -2.29 12.74
C TYR C 230 -6.26 -1.07 12.90
N GLY C 231 -5.03 -1.12 12.38
CA GLY C 231 -4.14 0.03 12.47
C GLY C 231 -4.14 0.92 11.25
N SER C 232 -4.69 0.43 10.14
CA SER C 232 -4.77 1.20 8.89
C SER C 232 -6.20 1.18 8.39
N SER C 233 -6.61 2.28 7.72
CA SER C 233 -7.98 2.30 7.20
C SER C 233 -7.98 1.90 5.73
N PRO C 234 -8.89 1.01 5.28
CA PRO C 234 -9.94 0.38 6.09
C PRO C 234 -9.44 -0.78 6.95
N ILE C 235 -10.14 -1.01 8.07
CA ILE C 235 -9.97 -2.24 8.84
C ILE C 235 -10.18 -3.43 7.90
N THR C 236 -9.31 -4.44 8.00
CA THR C 236 -9.41 -5.60 7.12
C THR C 236 -9.20 -6.90 7.91
N PHE C 237 -9.74 -7.97 7.35
CA PHE C 237 -9.65 -9.31 7.91
C PHE C 237 -8.98 -10.26 6.94
N GLY C 238 -8.34 -11.29 7.47
CA GLY C 238 -7.87 -12.38 6.64
C GLY C 238 -9.02 -13.20 6.10
N GLN C 239 -8.70 -14.10 5.17
CA GLN C 239 -9.75 -14.83 4.46
C GLN C 239 -10.30 -16.00 5.26
N GLY C 240 -9.72 -16.32 6.41
CA GLY C 240 -10.25 -17.37 7.25
C GLY C 240 -9.44 -18.66 7.13
N THR C 241 -9.31 -19.37 8.25
CA THR C 241 -8.81 -20.74 8.31
C THR C 241 -9.92 -21.63 8.83
N ARG C 242 -10.27 -22.67 8.09
CA ARG C 242 -11.26 -23.64 8.55
C ARG C 242 -10.52 -24.74 9.31
N LEU C 243 -10.70 -24.79 10.62
CA LEU C 243 -10.10 -25.82 11.46
C LEU C 243 -11.09 -26.96 11.60
N GLU C 244 -10.76 -28.12 11.01
CA GLU C 244 -11.65 -29.26 10.88
C GLU C 244 -11.07 -30.46 11.64
N ILE C 245 -11.95 -31.36 12.10
CA ILE C 245 -11.48 -32.60 12.73
C ILE C 245 -10.77 -33.50 11.71
N ASN D 1 17.64 40.25 15.92
CA ASN D 1 18.03 38.85 15.97
C ASN D 1 17.05 38.00 15.18
N LEU D 2 17.50 36.85 14.67
CA LEU D 2 16.61 35.94 13.96
C LEU D 2 15.73 35.16 14.94
N CYS D 3 14.52 34.83 14.50
CA CYS D 3 13.60 34.11 15.37
C CYS D 3 14.16 32.72 15.67
N PRO D 4 14.00 32.22 16.90
CA PRO D 4 14.62 30.95 17.32
C PRO D 4 13.81 29.73 16.88
N PHE D 5 13.63 29.60 15.56
CA PHE D 5 12.90 28.45 15.05
C PHE D 5 13.62 27.15 15.38
N GLY D 6 14.96 27.19 15.43
CA GLY D 6 15.70 25.99 15.77
C GLY D 6 15.31 25.40 17.10
N GLU D 7 14.96 26.26 18.07
CA GLU D 7 14.53 25.77 19.38
C GLU D 7 13.29 24.91 19.28
N VAL D 8 12.42 25.19 18.31
CA VAL D 8 11.23 24.37 18.12
C VAL D 8 11.52 23.18 17.21
N PHE D 9 12.13 23.42 16.04
CA PHE D 9 12.22 22.35 15.04
C PHE D 9 13.27 21.32 15.42
N ASN D 10 14.31 21.73 16.12
CA ASN D 10 15.40 20.82 16.48
C ASN D 10 15.41 20.48 17.97
N ALA D 11 14.26 20.57 18.62
CA ALA D 11 14.16 20.17 20.02
C ALA D 11 14.52 18.70 20.17
N THR D 12 15.13 18.36 21.31
CA THR D 12 15.55 16.98 21.53
C THR D 12 14.36 16.02 21.50
N ARG D 13 13.29 16.37 22.21
CA ARG D 13 12.07 15.60 22.19
C ARG D 13 10.90 16.53 21.94
N PHE D 14 9.84 15.98 21.35
CA PHE D 14 8.61 16.70 21.06
C PHE D 14 7.53 16.31 22.06
N ALA D 15 6.46 17.10 22.08
CA ALA D 15 5.30 16.80 22.93
C ALA D 15 4.47 15.67 22.35
N SER D 16 3.71 15.00 23.22
CA SER D 16 2.66 14.11 22.73
C SER D 16 1.53 14.96 22.13
N VAL D 17 0.85 14.41 21.13
CA VAL D 17 -0.15 15.21 20.43
C VAL D 17 -1.32 15.63 21.32
N TYR D 18 -1.74 14.79 22.29
CA TYR D 18 -2.85 15.20 23.13
C TYR D 18 -2.46 16.38 24.02
N ALA D 19 -1.18 16.47 24.35
CA ALA D 19 -0.63 17.56 25.17
C ALA D 19 0.27 18.45 24.32
N TRP D 20 -0.19 18.76 23.11
CA TRP D 20 0.61 19.48 22.13
C TRP D 20 1.15 20.80 22.70
N ASN D 21 2.35 21.15 22.29
CA ASN D 21 3.07 22.29 22.86
C ASN D 21 2.81 23.51 21.99
N ARG D 22 2.66 24.70 22.61
CA ARG D 22 2.59 25.96 21.87
C ARG D 22 3.73 26.86 22.34
N LYS D 23 4.51 27.38 21.40
CA LYS D 23 5.60 28.29 21.68
C LYS D 23 5.27 29.63 21.02
N ARG D 24 5.31 30.70 21.81
CA ARG D 24 5.16 32.05 21.27
C ARG D 24 6.51 32.57 20.78
N ILE D 25 6.53 33.13 19.57
CA ILE D 25 7.73 33.66 18.95
C ILE D 25 7.50 35.17 18.79
N SER D 26 8.38 35.99 19.38
CA SER D 26 8.20 37.44 19.42
C SER D 26 9.54 38.16 19.28
N ASN D 27 9.47 39.41 18.83
CA ASN D 27 10.61 40.33 18.87
C ASN D 27 11.82 39.77 18.12
N CYS D 28 11.63 39.46 16.84
CA CYS D 28 12.69 38.85 16.06
C CYS D 28 12.37 38.97 14.58
N VAL D 29 13.37 38.69 13.74
CA VAL D 29 13.21 38.69 12.30
C VAL D 29 13.04 37.24 11.87
N ALA D 30 11.95 36.95 11.17
CA ALA D 30 11.61 35.59 10.76
C ALA D 30 11.99 35.42 9.30
N ASP D 31 13.01 34.61 9.03
CA ASP D 31 13.33 34.25 7.65
C ASP D 31 12.68 32.89 7.40
N TYR D 32 11.47 32.93 6.85
CA TYR D 32 10.71 31.71 6.63
C TYR D 32 11.35 30.82 5.58
N SER D 33 12.25 31.38 4.75
CA SER D 33 12.90 30.59 3.70
C SER D 33 13.79 29.51 4.30
N VAL D 34 14.30 29.71 5.52
CA VAL D 34 15.03 28.64 6.20
C VAL D 34 14.17 27.39 6.28
N LEU D 35 12.86 27.57 6.39
CA LEU D 35 11.93 26.46 6.46
C LEU D 35 11.51 25.98 5.07
N TYR D 36 10.94 26.86 4.25
CA TYR D 36 10.30 26.35 3.04
C TYR D 36 11.28 26.00 1.93
N ASN D 37 12.54 26.42 2.02
CA ASN D 37 13.56 26.00 1.08
C ASN D 37 14.20 24.66 1.44
N SER D 38 13.78 24.04 2.53
CA SER D 38 14.47 22.87 3.09
C SER D 38 13.95 21.57 2.50
N ALA D 39 14.87 20.72 2.05
CA ALA D 39 14.50 19.38 1.59
C ALA D 39 14.08 18.45 2.72
N SER D 40 14.19 18.88 3.97
CA SER D 40 13.94 18.00 5.11
C SER D 40 12.48 17.76 5.38
N PHE D 41 11.59 18.65 4.95
CA PHE D 41 10.18 18.60 5.30
C PHE D 41 9.38 17.89 4.20
N SER D 42 8.79 16.76 4.55
CA SER D 42 7.94 16.05 3.59
C SER D 42 6.56 16.68 3.46
N THR D 43 6.14 17.47 4.43
CA THR D 43 4.92 18.27 4.34
C THR D 43 5.29 19.72 4.61
N PHE D 44 4.88 20.61 3.70
CA PHE D 44 5.01 22.05 3.93
C PHE D 44 3.85 22.67 3.18
N LYS D 45 2.76 22.93 3.90
CA LYS D 45 1.50 23.35 3.29
C LYS D 45 0.99 24.56 4.05
N CYS D 46 0.86 25.68 3.37
CA CYS D 46 0.28 26.86 3.99
C CYS D 46 -1.14 27.08 3.49
N TYR D 47 -1.98 27.60 4.38
CA TYR D 47 -3.38 27.88 4.13
C TYR D 47 -3.63 29.34 4.46
N GLY D 48 -4.43 30.01 3.63
CA GLY D 48 -4.75 31.41 3.89
C GLY D 48 -3.64 32.39 3.63
N VAL D 49 -2.51 31.91 3.12
CA VAL D 49 -1.33 32.73 2.88
C VAL D 49 -0.39 31.89 2.04
N SER D 50 0.37 32.54 1.17
CA SER D 50 1.39 31.85 0.39
C SER D 50 2.73 31.92 1.13
N PRO D 51 3.53 30.83 1.11
CA PRO D 51 4.80 30.87 1.84
C PRO D 51 5.73 31.98 1.39
N THR D 52 5.75 32.29 0.09
CA THR D 52 6.66 33.32 -0.39
C THR D 52 6.17 34.74 -0.11
N LYS D 53 4.96 34.90 0.42
CA LYS D 53 4.53 36.21 0.87
C LYS D 53 4.85 36.46 2.34
N LEU D 54 5.17 35.40 3.09
CA LEU D 54 5.40 35.51 4.52
C LEU D 54 6.53 36.48 4.84
N ASN D 55 7.58 36.47 4.02
CA ASN D 55 8.73 37.32 4.29
C ASN D 55 8.43 38.81 4.11
N ASP D 56 7.27 39.15 3.59
CA ASP D 56 6.88 40.55 3.38
C ASP D 56 5.93 41.08 4.45
N LEU D 57 5.58 40.26 5.43
CA LEU D 57 4.52 40.58 6.38
C LEU D 57 5.09 40.73 7.78
N CYS D 58 4.44 41.58 8.56
CA CYS D 58 4.78 41.82 9.96
C CYS D 58 3.59 41.40 10.81
N PHE D 59 3.85 40.62 11.85
CA PHE D 59 2.81 40.17 12.75
C PHE D 59 3.07 40.62 14.18
N THR D 60 2.01 40.59 14.99
CA THR D 60 2.15 40.90 16.39
C THR D 60 2.99 39.84 17.09
N ASN D 61 2.64 38.58 16.87
CA ASN D 61 3.38 37.42 17.34
C ASN D 61 3.21 36.32 16.32
N VAL D 62 4.04 35.29 16.45
CA VAL D 62 3.89 34.06 15.70
C VAL D 62 3.87 32.92 16.71
N TYR D 63 3.20 31.82 16.38
CA TYR D 63 3.09 30.70 17.30
C TYR D 63 3.45 29.42 16.57
N ALA D 64 4.11 28.52 17.28
CA ALA D 64 4.48 27.22 16.76
C ALA D 64 3.88 26.16 17.67
N ASP D 65 2.95 25.36 17.14
CA ASP D 65 2.40 24.22 17.87
C ASP D 65 3.15 22.99 17.39
N SER D 66 3.60 22.13 18.31
CA SER D 66 4.39 21.00 17.86
C SER D 66 4.04 19.73 18.64
N PHE D 67 4.22 18.59 17.99
CA PHE D 67 3.83 17.29 18.54
C PHE D 67 4.30 16.21 17.57
N VAL D 68 4.14 14.94 17.99
CA VAL D 68 4.45 13.77 17.17
C VAL D 68 3.18 12.96 16.95
N ILE D 69 2.97 12.52 15.70
CA ILE D 69 1.91 11.59 15.33
C ILE D 69 2.48 10.54 14.37
N ARG D 70 1.65 9.57 13.98
CA ARG D 70 2.02 8.58 12.97
C ARG D 70 1.98 9.19 11.57
N GLY D 71 2.81 8.65 10.67
CA GLY D 71 2.82 9.14 9.29
C GLY D 71 1.45 9.14 8.65
N ASP D 72 0.67 8.08 8.86
CA ASP D 72 -0.68 7.97 8.30
C ASP D 72 -1.64 9.02 8.83
N GLU D 73 -1.29 9.73 9.89
CA GLU D 73 -2.19 10.71 10.51
C GLU D 73 -1.84 12.15 10.13
N VAL D 74 -0.73 12.38 9.44
CA VAL D 74 -0.33 13.75 9.12
C VAL D 74 -1.40 14.41 8.26
N ARG D 75 -2.10 13.62 7.43
CA ARG D 75 -3.18 14.19 6.61
C ARG D 75 -4.31 14.76 7.44
N GLN D 76 -4.45 14.37 8.70
CA GLN D 76 -5.47 14.94 9.56
C GLN D 76 -5.13 16.33 10.09
N ILE D 77 -3.87 16.75 9.97
CA ILE D 77 -3.47 18.09 10.40
C ILE D 77 -3.69 19.03 9.23
N ALA D 78 -4.96 19.29 8.92
CA ALA D 78 -5.34 20.12 7.78
C ALA D 78 -6.75 20.62 8.05
N PRO D 79 -7.12 21.77 7.49
CA PRO D 79 -8.51 22.22 7.65
C PRO D 79 -9.50 21.21 7.10
N GLY D 80 -10.59 21.02 7.83
CA GLY D 80 -11.71 20.25 7.33
C GLY D 80 -11.58 18.75 7.47
N GLN D 81 -10.60 18.27 8.21
CA GLN D 81 -10.37 16.83 8.31
C GLN D 81 -11.07 16.25 9.53
N THR D 82 -11.29 14.93 9.49
CA THR D 82 -11.83 14.18 10.62
C THR D 82 -10.99 12.94 10.83
N GLY D 83 -11.21 12.28 11.96
CA GLY D 83 -10.39 11.16 12.41
C GLY D 83 -9.96 11.36 13.85
N LYS D 84 -9.34 10.32 14.41
CA LYS D 84 -9.01 10.33 15.84
C LYS D 84 -8.14 11.52 16.23
N ILE D 85 -7.21 11.92 15.35
CA ILE D 85 -6.30 13.01 15.71
C ILE D 85 -7.00 14.36 15.56
N ALA D 86 -7.61 14.61 14.40
CA ALA D 86 -8.36 15.85 14.22
C ALA D 86 -9.49 15.96 15.24
N ASP D 87 -10.21 14.87 15.50
CA ASP D 87 -11.39 14.97 16.37
C ASP D 87 -11.02 15.09 17.84
N TYR D 88 -10.03 14.33 18.29
CA TYR D 88 -9.84 14.19 19.72
C TYR D 88 -8.48 14.68 20.22
N ASN D 89 -7.60 15.15 19.35
CA ASN D 89 -6.24 15.49 19.80
C ASN D 89 -5.80 16.89 19.39
N TYR D 90 -5.82 17.21 18.09
CA TYR D 90 -5.40 18.54 17.62
C TYR D 90 -6.26 18.94 16.42
N LYS D 91 -6.95 20.08 16.52
CA LYS D 91 -7.97 20.45 15.54
C LYS D 91 -7.63 21.82 14.95
N LEU D 92 -7.42 21.85 13.63
CA LEU D 92 -7.35 23.12 12.90
C LEU D 92 -8.76 23.60 12.54
N PRO D 93 -8.97 24.92 12.43
CA PRO D 93 -10.25 25.42 11.95
C PRO D 93 -10.46 25.10 10.47
N ASP D 94 -11.73 25.07 10.08
CA ASP D 94 -12.10 24.83 8.68
C ASP D 94 -11.53 25.89 7.76
N ASP D 95 -11.41 27.11 8.26
CA ASP D 95 -10.83 28.24 7.54
C ASP D 95 -9.63 28.68 8.35
N PHE D 96 -8.43 28.44 7.81
CA PHE D 96 -7.21 28.48 8.59
C PHE D 96 -6.19 29.34 7.86
N THR D 97 -5.51 30.19 8.61
CA THR D 97 -4.35 30.91 8.09
C THR D 97 -3.13 30.46 8.87
N GLY D 98 -2.26 29.73 8.20
CA GLY D 98 -1.08 29.21 8.86
C GLY D 98 -0.47 28.12 8.01
N CYS D 99 0.60 27.52 8.53
CA CYS D 99 1.35 26.53 7.76
C CYS D 99 1.53 25.26 8.58
N VAL D 100 1.45 24.12 7.91
CA VAL D 100 1.64 22.81 8.52
C VAL D 100 2.92 22.22 7.96
N ILE D 101 3.85 21.88 8.83
CA ILE D 101 5.17 21.41 8.45
C ILE D 101 5.40 20.07 9.16
N ALA D 102 5.82 19.05 8.40
CA ALA D 102 6.02 17.74 9.01
C ALA D 102 7.24 17.04 8.40
N TRP D 103 7.84 16.15 9.19
CA TRP D 103 8.96 15.37 8.69
C TRP D 103 9.05 14.05 9.43
N ASN D 104 9.55 13.04 8.73
CA ASN D 104 9.72 11.73 9.33
C ASN D 104 10.78 11.79 10.42
N SER D 105 10.44 11.28 11.61
CA SER D 105 11.37 11.34 12.73
C SER D 105 11.74 9.95 13.23
N ASN D 106 11.65 8.94 12.36
CA ASN D 106 11.98 7.56 12.73
C ASN D 106 13.36 7.46 13.38
N ASN D 107 14.34 8.22 12.87
CA ASN D 107 15.70 8.13 13.42
C ASN D 107 15.77 8.66 14.85
N LEU D 108 14.88 9.58 15.21
CA LEU D 108 14.91 10.24 16.52
C LEU D 108 13.94 9.63 17.51
N ASP D 109 12.76 9.24 17.06
CA ASP D 109 11.66 8.92 17.95
C ASP D 109 11.27 7.44 17.99
N SER D 110 11.92 6.58 17.22
CA SER D 110 11.68 5.15 17.39
C SER D 110 12.86 4.54 18.13
N LYS D 111 12.59 3.43 18.81
CA LYS D 111 13.60 2.69 19.55
C LYS D 111 13.45 1.21 19.22
N VAL D 112 14.58 0.51 19.23
CA VAL D 112 14.55 -0.94 19.08
C VAL D 112 13.76 -1.52 20.26
N GLY D 113 12.71 -2.26 19.95
CA GLY D 113 11.82 -2.76 20.98
C GLY D 113 10.73 -1.80 21.40
N GLY D 114 10.63 -0.64 20.75
CA GLY D 114 9.52 0.27 20.95
C GLY D 114 9.86 1.48 21.77
N ASN D 115 9.62 2.66 21.20
CA ASN D 115 9.49 3.87 21.99
C ASN D 115 8.02 4.08 22.28
N TYR D 116 7.66 4.08 23.56
CA TYR D 116 6.26 4.26 23.97
C TYR D 116 6.01 5.60 24.67
N ASN D 117 6.96 6.55 24.60
CA ASN D 117 6.81 7.80 25.32
C ASN D 117 5.73 8.71 24.74
N TYR D 118 5.44 8.58 23.44
CA TYR D 118 4.48 9.47 22.78
C TYR D 118 3.08 8.88 22.84
N LEU D 119 2.10 9.69 23.27
CA LEU D 119 0.74 9.23 23.52
C LEU D 119 -0.26 9.98 22.65
N TYR D 120 -1.44 9.39 22.51
CA TYR D 120 -2.57 10.06 21.86
C TYR D 120 -3.86 9.71 22.62
N ARG D 121 -4.89 10.53 22.45
CA ARG D 121 -6.19 10.28 23.06
C ARG D 121 -7.03 9.44 22.10
N LEU D 122 -7.52 8.30 22.59
CA LEU D 122 -8.33 7.38 21.80
C LEU D 122 -9.81 7.61 22.00
N PHE D 123 -10.23 7.92 23.22
CA PHE D 123 -11.64 8.04 23.59
C PHE D 123 -11.91 9.48 24.03
N ARG D 124 -12.96 10.08 23.46
CA ARG D 124 -13.46 11.38 23.90
C ARG D 124 -14.91 11.47 23.47
N LYS D 125 -15.77 12.02 24.34
CA LYS D 125 -17.20 12.02 24.05
C LYS D 125 -17.53 12.93 22.87
N SER D 126 -16.83 14.05 22.74
CA SER D 126 -17.15 15.02 21.68
C SER D 126 -15.87 15.49 21.00
N ASN D 127 -16.04 16.12 19.83
CA ASN D 127 -14.91 16.64 19.08
C ASN D 127 -14.33 17.90 19.74
N LEU D 128 -13.03 18.09 19.58
CA LEU D 128 -12.39 19.33 19.98
C LEU D 128 -12.84 20.48 19.10
N LYS D 129 -12.94 21.66 19.71
CA LYS D 129 -13.04 22.89 18.95
C LYS D 129 -11.65 23.25 18.40
N PRO D 130 -11.59 24.12 17.39
CA PRO D 130 -10.26 24.49 16.84
C PRO D 130 -9.35 25.06 17.91
N PHE D 131 -8.11 24.54 17.96
CA PHE D 131 -7.04 24.94 18.88
C PHE D 131 -7.32 24.56 20.33
N GLU D 132 -8.32 23.72 20.59
CA GLU D 132 -8.58 23.23 21.93
C GLU D 132 -7.55 22.17 22.30
N ARG D 133 -7.26 22.07 23.61
CA ARG D 133 -6.28 21.13 24.12
C ARG D 133 -6.89 20.45 25.33
N ASP D 134 -6.95 19.12 25.29
CA ASP D 134 -7.55 18.32 26.36
C ASP D 134 -6.43 17.46 26.95
N ILE D 135 -6.01 17.78 28.17
CA ILE D 135 -5.02 16.96 28.87
C ILE D 135 -5.62 16.22 30.06
N SER D 136 -6.95 16.05 30.07
CA SER D 136 -7.57 15.37 31.20
C SER D 136 -7.24 13.87 31.14
N THR D 137 -7.30 13.22 32.30
CA THR D 137 -6.96 11.80 32.41
C THR D 137 -8.07 11.05 33.14
N GLU D 138 -9.31 11.45 32.94
CA GLU D 138 -10.44 10.77 33.56
C GLU D 138 -10.64 9.43 32.87
N ILE D 139 -11.03 8.41 33.65
CA ILE D 139 -11.40 7.13 33.05
C ILE D 139 -12.61 7.35 32.16
N TYR D 140 -12.56 6.82 30.94
CA TYR D 140 -13.60 7.06 29.96
C TYR D 140 -14.75 6.09 30.16
N GLN D 141 -15.96 6.62 30.28
CA GLN D 141 -17.16 5.84 30.58
C GLN D 141 -17.86 5.47 29.28
N ALA D 142 -17.80 4.19 28.90
CA ALA D 142 -18.40 3.74 27.64
C ALA D 142 -19.77 3.12 27.81
N GLY D 143 -20.22 2.90 29.06
CA GLY D 143 -21.53 2.36 29.35
C GLY D 143 -22.26 3.24 30.36
N SER D 144 -23.31 2.70 30.99
CA SER D 144 -24.10 3.50 31.94
C SER D 144 -23.50 3.54 33.34
N THR D 145 -22.71 2.53 33.71
CA THR D 145 -22.17 2.43 35.07
C THR D 145 -21.01 3.40 35.25
N PRO D 146 -21.06 4.30 36.25
CA PRO D 146 -19.92 5.16 36.54
C PRO D 146 -18.65 4.35 36.76
N CYS D 147 -17.51 4.96 36.42
CA CYS D 147 -16.22 4.31 36.62
C CYS D 147 -15.59 4.62 37.96
N ASN D 148 -15.88 5.78 38.54
CA ASN D 148 -15.34 6.17 39.84
C ASN D 148 -13.81 6.02 39.88
N GLY D 149 -13.15 6.29 38.75
CA GLY D 149 -11.70 6.30 38.69
C GLY D 149 -11.02 4.96 38.52
N VAL D 150 -11.77 3.89 38.24
CA VAL D 150 -11.24 2.53 38.13
C VAL D 150 -11.51 1.99 36.73
N GLU D 151 -10.49 1.35 36.14
CA GLU D 151 -10.62 0.69 34.84
C GLU D 151 -11.36 -0.64 34.98
N GLY D 152 -11.99 -1.06 33.90
CA GLY D 152 -12.78 -2.26 33.89
C GLY D 152 -13.58 -2.32 32.60
N PHE D 153 -14.51 -3.26 32.54
CA PHE D 153 -15.39 -3.31 31.39
C PHE D 153 -16.13 -1.98 31.26
N ASN D 154 -16.09 -1.41 30.06
CA ASN D 154 -16.72 -0.14 29.71
C ASN D 154 -16.12 1.06 30.45
N CYS D 155 -14.91 0.90 31.00
CA CYS D 155 -14.23 1.94 31.77
C CYS D 155 -12.76 1.93 31.38
N TYR D 156 -12.36 2.81 30.46
CA TYR D 156 -11.06 2.72 29.81
C TYR D 156 -10.25 3.98 30.03
N PHE D 157 -8.99 3.81 30.42
CA PHE D 157 -8.08 4.94 30.41
C PHE D 157 -7.98 5.49 29.00
N PRO D 158 -8.14 6.80 28.80
CA PRO D 158 -8.31 7.32 27.43
C PRO D 158 -7.03 7.49 26.63
N LEU D 159 -5.85 7.56 27.25
CA LEU D 159 -4.62 7.82 26.52
C LEU D 159 -3.90 6.53 26.20
N GLN D 160 -3.38 6.42 24.97
CA GLN D 160 -2.66 5.22 24.54
C GLN D 160 -1.28 5.60 24.02
N SER D 161 -0.32 4.68 24.18
CA SER D 161 1.02 4.86 23.62
C SER D 161 1.06 4.50 22.14
N TYR D 162 1.68 5.35 21.33
CA TYR D 162 2.14 4.89 20.04
C TYR D 162 3.26 3.90 20.28
N GLY D 163 3.42 2.95 19.37
CA GLY D 163 4.57 2.07 19.51
C GLY D 163 5.49 2.29 18.33
N PHE D 164 6.52 3.11 18.51
CA PHE D 164 7.44 3.44 17.43
C PHE D 164 8.68 2.56 17.52
N GLN D 165 8.79 1.62 16.56
CA GLN D 165 9.93 0.75 16.31
C GLN D 165 10.51 1.08 14.95
N PRO D 166 11.84 1.04 14.79
CA PRO D 166 12.43 1.54 13.55
C PRO D 166 12.05 0.72 12.33
N THR D 167 11.63 -0.53 12.51
CA THR D 167 11.22 -1.38 11.39
C THR D 167 9.74 -1.23 11.01
N ASN D 168 9.01 -0.31 11.64
CA ASN D 168 7.62 -0.04 11.28
C ASN D 168 7.52 0.41 9.82
N GLY D 169 6.40 0.10 9.18
CA GLY D 169 6.10 0.71 7.89
C GLY D 169 5.97 2.22 8.01
N VAL D 170 6.12 2.91 6.87
CA VAL D 170 6.22 4.37 6.89
C VAL D 170 5.01 4.99 7.55
N GLY D 171 3.81 4.46 7.27
CA GLY D 171 2.60 5.01 7.88
C GLY D 171 2.52 4.82 9.37
N TYR D 172 3.33 3.92 9.93
CA TYR D 172 3.37 3.66 11.36
C TYR D 172 4.56 4.32 12.03
N GLN D 173 5.41 4.98 11.26
CA GLN D 173 6.58 5.64 11.79
C GLN D 173 6.22 7.00 12.37
N PRO D 174 7.01 7.50 13.32
CA PRO D 174 6.71 8.81 13.92
C PRO D 174 7.05 9.95 12.97
N TYR D 175 6.20 10.97 12.99
CA TYR D 175 6.43 12.20 12.26
C TYR D 175 6.35 13.36 13.25
N ARG D 176 7.32 14.26 13.18
CA ARG D 176 7.27 15.50 13.94
C ARG D 176 6.54 16.54 13.11
N VAL D 177 5.69 17.31 13.78
CA VAL D 177 4.80 18.26 13.13
C VAL D 177 4.96 19.61 13.82
N VAL D 178 5.05 20.68 13.04
CA VAL D 178 4.96 22.04 13.57
C VAL D 178 3.88 22.76 12.78
N VAL D 179 2.95 23.37 13.50
CA VAL D 179 1.92 24.20 12.90
C VAL D 179 2.26 25.63 13.24
N LEU D 180 2.55 26.45 12.23
CA LEU D 180 2.80 27.88 12.45
C LEU D 180 1.50 28.65 12.29
N SER D 181 1.19 29.51 13.25
CA SER D 181 0.07 30.41 13.12
C SER D 181 0.55 31.82 13.42
N PHE D 182 -0.27 32.79 13.00
CA PHE D 182 0.13 34.18 13.00
C PHE D 182 -0.94 35.00 13.70
N GLU D 183 -0.51 36.07 14.36
CA GLU D 183 -1.41 36.89 15.17
C GLU D 183 -1.26 38.34 14.75
N LEU D 184 -2.39 39.03 14.58
CA LEU D 184 -2.43 40.46 14.25
C LEU D 184 -3.43 41.14 15.18
N LEU D 185 -2.92 41.98 16.09
CA LEU D 185 -3.70 42.72 17.07
C LEU D 185 -3.44 44.21 16.89
N HIS D 186 -4.19 45.01 17.66
CA HIS D 186 -3.92 46.45 17.78
C HIS D 186 -2.80 46.65 18.80
N ALA D 187 -1.61 46.18 18.41
CA ALA D 187 -0.43 46.19 19.26
C ALA D 187 0.78 46.36 18.36
N PRO D 188 1.94 46.70 18.92
CA PRO D 188 3.14 46.81 18.07
C PRO D 188 3.46 45.48 17.40
N ALA D 189 3.85 45.54 16.14
CA ALA D 189 4.28 44.33 15.44
C ALA D 189 5.68 43.97 15.90
N THR D 190 5.90 42.71 16.25
CA THR D 190 7.21 42.30 16.73
C THR D 190 7.88 41.23 15.91
N VAL D 191 7.20 40.59 14.94
CA VAL D 191 7.85 39.59 14.10
C VAL D 191 7.68 40.01 12.64
N CYS D 192 8.78 40.38 12.00
CA CYS D 192 8.76 40.80 10.60
C CYS D 192 9.71 39.93 9.79
N GLY D 193 9.43 39.86 8.49
CA GLY D 193 10.33 39.23 7.56
C GLY D 193 11.58 40.06 7.36
N PRO D 194 12.57 39.50 6.65
CA PRO D 194 13.87 40.14 6.40
C PRO D 194 13.81 41.44 5.58
C1 NAG E . 10.14 -29.61 4.87
C2 NAG E . 8.95 -30.60 4.85
C3 NAG E . 7.93 -30.21 5.92
C4 NAG E . 8.58 -30.01 7.29
C5 NAG E . 9.76 -29.07 7.18
C6 NAG E . 10.53 -28.94 8.48
C7 NAG E . 8.11 -31.75 2.86
C8 NAG E . 7.40 -31.60 1.54
N2 NAG E . 8.31 -30.63 3.54
O3 NAG E . 6.91 -31.21 5.99
O4 NAG E . 7.62 -29.43 8.16
O5 NAG E . 10.69 -29.53 6.20
O6 NAG E . 10.65 -30.21 9.13
O7 NAG E . 8.49 -32.85 3.26
C1 NAG E . 7.13 -30.34 9.18
C2 NAG E . 6.47 -29.50 10.30
C3 NAG E . 5.91 -30.42 11.38
C4 NAG E . 5.01 -31.50 10.78
C5 NAG E . 5.71 -32.21 9.62
C6 NAG E . 4.80 -33.17 8.89
C7 NAG E . 7.28 -27.23 10.74
C8 NAG E . 8.36 -26.40 11.39
N2 NAG E . 7.42 -28.56 10.86
O3 NAG E . 5.17 -29.64 12.32
O4 NAG E . 4.73 -32.44 11.81
O5 NAG E . 6.17 -31.25 8.66
O6 NAG E . 3.58 -32.53 8.52
O7 NAG E . 6.34 -26.72 10.14
C1 BMA E . 3.31 -32.64 12.01
C2 BMA E . 3.15 -33.94 12.83
C3 BMA E . 1.67 -34.22 13.09
C4 BMA E . 0.88 -32.96 13.58
C5 BMA E . 1.26 -31.68 12.77
C6 BMA E . 0.72 -30.40 13.40
O2 BMA E . 3.78 -33.82 14.10
O3 BMA E . 1.50 -35.31 14.01
O4 BMA E . -0.54 -33.18 13.44
O5 BMA E . 2.70 -31.55 12.68
O6 BMA E . 0.83 -29.36 12.43
C1 MAN E . 0.54 -28.10 13.07
C2 MAN E . -0.42 -27.33 12.13
C3 MAN E . 0.31 -26.56 10.96
C4 MAN E . 1.67 -25.96 11.34
C5 MAN E . 2.52 -26.94 12.19
C6 MAN E . 3.81 -26.32 12.70
O2 MAN E . -1.11 -26.38 12.87
O3 MAN E . -0.51 -25.52 10.40
O4 MAN E . 2.38 -25.61 10.12
O5 MAN E . 1.73 -27.35 13.34
O6 MAN E . 4.60 -27.35 13.32
C1 NAG F . 17.71 22.33 12.49
C2 NAG F . 17.52 23.66 11.73
C3 NAG F . 17.94 23.50 10.27
C4 NAG F . 19.35 22.91 10.16
C5 NAG F . 19.43 21.62 10.94
C6 NAG F . 20.83 21.03 10.96
C7 NAG F . 15.82 25.39 12.09
C8 NAG F . 14.36 25.70 12.10
N2 NAG F . 16.14 24.12 11.80
O3 NAG F . 17.93 24.77 9.64
O4 NAG F . 19.63 22.60 8.79
O5 NAG F . 19.07 21.85 12.30
O6 NAG F . 21.75 22.02 11.35
O7 NAG F . 16.67 26.25 12.29
C1 NAG F . 20.58 23.49 8.24
C2 NAG F . 21.09 22.88 6.94
C3 NAG F . 22.03 23.85 6.21
C4 NAG F . 21.39 25.22 6.06
C5 NAG F . 20.91 25.73 7.41
C6 NAG F . 20.18 27.04 7.33
C7 NAG F . 21.21 20.41 7.02
C8 NAG F . 22.08 19.24 7.33
N2 NAG F . 21.77 21.61 7.20
O3 NAG F . 22.33 23.32 4.93
O4 NAG F . 22.37 26.13 5.56
O5 NAG F . 19.99 24.77 7.97
O6 NAG F . 19.12 26.99 6.38
O7 NAG F . 20.06 20.29 6.61
C1 BMA F . 22.00 26.70 4.30
C2 BMA F . 22.99 27.82 4.06
C3 BMA F . 22.70 28.44 2.71
C4 BMA F . 22.57 27.41 1.59
C5 BMA F . 21.63 26.26 1.99
C6 BMA F . 21.65 25.11 0.98
O2 BMA F . 24.31 27.29 4.02
O3 BMA F . 23.72 29.36 2.36
O4 BMA F . 22.08 28.04 0.42
O5 BMA F . 22.06 25.75 3.25
O6 BMA F . 20.41 24.41 1.10
C1 MAN F . 23.15 30.69 2.32
C2 MAN F . 24.06 31.51 1.40
C3 MAN F . 25.43 31.68 2.08
C4 MAN F . 25.30 32.19 3.54
C5 MAN F . 24.34 31.29 4.33
C6 MAN F . 24.07 31.81 5.72
O2 MAN F . 23.55 32.81 1.21
O3 MAN F . 26.29 32.54 1.35
O4 MAN F . 26.59 32.17 4.16
O5 MAN F . 23.08 31.22 3.62
O6 MAN F . 23.97 30.68 6.60
C1 MAN F . 20.50 23.18 0.35
C2 MAN F . 19.11 22.91 -0.25
C3 MAN F . 18.11 22.59 0.89
C4 MAN F . 18.65 21.51 1.84
C5 MAN F . 20.06 21.84 2.32
C6 MAN F . 20.70 20.64 3.03
O2 MAN F . 19.16 21.77 -1.09
O3 MAN F . 16.83 22.19 0.39
O4 MAN F . 17.80 21.37 2.98
O5 MAN F . 20.90 22.14 1.19
O6 MAN F . 21.99 21.04 3.48
C1 FUC F . 23.10 21.71 10.93
C2 FUC F . 23.94 22.97 11.17
C3 FUC F . 23.97 23.28 12.68
C4 FUC F . 24.49 22.05 13.46
C5 FUC F . 23.62 20.83 13.12
C6 FUC F . 24.14 19.53 13.73
O2 FUC F . 23.48 24.12 10.41
O3 FUC F . 24.84 24.38 12.94
O4 FUC F . 25.83 21.79 13.08
O5 FUC F . 23.56 20.61 11.68
S SO4 G . 13.55 6.60 27.94
O1 SO4 G . 14.19 5.33 28.23
O2 SO4 G . 12.87 6.50 26.64
O3 SO4 G . 14.51 7.68 27.97
O4 SO4 G . 12.53 6.87 28.97
#